data_2BEU
#
_entry.id   2BEU
#
_cell.length_a   145.789
_cell.length_b   145.789
_cell.length_c   69.525
_cell.angle_alpha   90.00
_cell.angle_beta   90.00
_cell.angle_gamma   120.00
#
_symmetry.space_group_name_H-M   'P 31 2 1'
#
loop_
_entity.id
_entity.type
_entity.pdbx_description
1 polymer '2-OXOISOVALERATE DEHYDROGENASE ALPHA SUBUNIT'
2 polymer '2-OXOISOVALERATE DEHYDROGENASE BETA SUBUNIT'
3 polymer 'PEPTIDE ALA-TYR-ARG'
4 non-polymer 'CHLORIDE ION'
5 non-polymer 'C2-1-HYDROXY-3-METHYL-PROPYL-THIAMIN DIPHOSPHATE'
6 non-polymer 'POTASSIUM ION'
7 non-polymer 'MANGANESE (II) ION'
8 non-polymer 'SULFATE ION'
9 non-polymer GLYCEROL
10 water water
#
loop_
_entity_poly.entity_id
_entity_poly.type
_entity_poly.pdbx_seq_one_letter_code
_entity_poly.pdbx_strand_id
1 'polypeptide(L)'
;SSLDDKPQFPGASAEFIDKLEFIQPNVISGIPIYRVMDRQGQIINPSEDPHLPKEKVLKLYKSMTLLNTMDRILYESQRQ
GRISFYMTNYGEEGTHVGSAAALDNTDLVFGQYREAGVLMYRDYPLELFMAQCYGNISDLGKGRQMPVHYGCKERHFVTI
SSPLATQIPQAVGAAYAAKRANANRVVICYFGEGAASEGDAHAGFNFAATLECPIIFFCRNNGYAISTPTSEQYRGDGIA
ARGPGYGIMSIRVDGNDVFAVYNATKEARRRAVAENQPFLIEAMTYRIGHHSTSDDSSAYRSVDEVNYWDKQDHPISRLR
HYLLSQGWWDEEQEKAWRKQSRRKVMEAFEQAERKPKPNPNLLFSDVYQEMPAQLRKQQESLARHLQTYGEHYPLDHFDK
;
A
2 'polypeptide(L)'
;VAHFTFQPDPEPREYGQTQKMNLFQSVTSALDNSLAKDPTAVIFGEDVAFGGVFRCTVGLRDKYGKDRVFNTPLCEQGIV
GFGIGIAVTGATAIAEIQFADYIFPAFDQIVNEAAKYRYRSGDLFNCGSLTIRSPWGCVGHGALYHSQSPEAFFAHCPGI
KVVIPRSPFQAKGLLLSCIEDKNPCIFFEPKILYRAAAEEVPIEPYNIPLSQAEVIQEGSDVTLVAWGTQVHVIREVASM
AKEKLGVSCEVIDLRTIIPWDVDTICKSVIKTGRLLISHEAPLTGGFASEISSTVQEECFLNLEAPISRVCGYDTPFPHI
FEPFYIPDKWKCYDALRKMINY
;
B
3 'polypeptide(L)' AYR C
#
# COMPACT_ATOMS: atom_id res chain seq x y z
N LYS A 6 43.23 6.54 15.80
CA LYS A 6 42.01 5.82 15.27
C LYS A 6 40.74 6.69 15.29
N PRO A 7 39.97 6.70 14.18
CA PRO A 7 38.71 7.49 14.13
C PRO A 7 37.72 7.04 15.18
N GLN A 8 36.95 7.98 15.70
CA GLN A 8 36.01 7.71 16.77
C GLN A 8 34.55 7.86 16.36
N PHE A 9 34.29 8.30 15.13
CA PHE A 9 32.94 8.70 14.77
C PHE A 9 31.92 7.55 14.85
N PRO A 10 30.72 7.84 15.36
CA PRO A 10 29.66 6.77 15.46
C PRO A 10 29.20 6.25 14.07
N GLY A 11 29.30 7.09 13.05
CA GLY A 11 28.67 6.80 11.75
C GLY A 11 29.33 5.80 10.81
N ALA A 12 30.61 5.49 11.04
CA ALA A 12 31.33 4.54 10.17
C ALA A 12 32.45 3.87 10.96
N SER A 13 32.79 2.67 10.55
CA SER A 13 33.98 1.97 11.02
C SER A 13 35.09 2.07 9.93
N ALA A 14 36.19 2.75 10.26
CA ALA A 14 37.20 3.08 9.26
C ALA A 14 38.48 3.62 9.90
N GLU A 15 39.54 3.66 9.09
CA GLU A 15 40.84 4.23 9.45
C GLU A 15 40.90 5.64 8.92
N PHE A 16 41.90 6.39 9.35
CA PHE A 16 42.21 7.68 8.69
C PHE A 16 43.04 7.44 7.43
N ILE A 17 42.97 8.37 6.49
CA ILE A 17 43.91 8.38 5.37
C ILE A 17 44.47 9.80 5.31
N ASP A 18 45.75 9.92 5.00
CA ASP A 18 46.37 11.26 5.02
C ASP A 18 46.54 11.91 3.62
N LYS A 19 45.87 11.36 2.63
CA LYS A 19 45.98 11.77 1.23
C LYS A 19 44.57 11.77 0.62
N LEU A 20 44.30 12.76 -0.23
CA LEU A 20 42.95 12.95 -0.76
C LEU A 20 42.78 11.99 -1.94
N GLU A 21 41.79 11.10 -1.87
CA GLU A 21 41.51 10.11 -2.91
C GLU A 21 40.01 9.82 -2.98
N PHE A 22 39.38 10.21 -4.10
CA PHE A 22 38.00 9.85 -4.37
C PHE A 22 37.84 8.38 -4.72
N ILE A 23 36.75 7.78 -4.28
CA ILE A 23 36.44 6.40 -4.59
C ILE A 23 35.76 6.47 -5.96
N GLN A 24 36.37 5.81 -6.92
CA GLN A 24 35.88 5.70 -8.28
C GLN A 24 34.98 4.47 -8.34
N PRO A 25 33.79 4.55 -8.94
CA PRO A 25 33.00 3.33 -9.26
C PRO A 25 33.70 2.38 -10.26
N ASN A 26 33.43 1.07 -10.14
CA ASN A 26 33.95 0.01 -11.06
C ASN A 26 32.92 -0.38 -12.14
N VAL A 27 32.63 0.50 -13.10
CA VAL A 27 31.49 0.21 -14.00
C VAL A 27 31.87 -0.65 -15.22
N ILE A 28 33.09 -0.44 -15.75
CA ILE A 28 33.57 -1.20 -16.90
C ILE A 28 33.85 -2.66 -16.57
N SER A 29 34.38 -2.92 -15.38
CA SER A 29 34.54 -4.32 -14.90
C SER A 29 33.57 -4.51 -13.76
N GLY A 30 32.33 -4.72 -14.10
CA GLY A 30 31.33 -4.77 -13.08
C GLY A 30 31.37 -6.10 -12.36
N ILE A 31 30.35 -6.32 -11.54
CA ILE A 31 30.17 -7.57 -10.85
C ILE A 31 29.94 -8.59 -11.97
N PRO A 32 30.75 -9.67 -11.94
CA PRO A 32 30.71 -10.68 -12.98
C PRO A 32 29.35 -11.44 -12.96
N ILE A 33 29.03 -12.12 -14.05
CA ILE A 33 27.68 -12.65 -14.25
C ILE A 33 27.78 -14.16 -14.10
N TYR A 34 27.16 -14.70 -13.05
CA TYR A 34 27.23 -16.13 -12.78
C TYR A 34 26.48 -16.94 -13.83
N ARG A 35 27.14 -17.98 -14.37
CA ARG A 35 26.57 -18.81 -15.42
C ARG A 35 26.94 -20.28 -15.12
N VAL A 36 25.98 -21.19 -15.25
CA VAL A 36 26.15 -22.64 -14.99
C VAL A 36 26.21 -23.39 -16.33
N MET A 37 25.30 -23.06 -17.24
CA MET A 37 25.34 -23.77 -18.50
C MET A 37 25.58 -22.86 -19.68
N ASP A 38 26.27 -23.35 -20.70
CA ASP A 38 26.46 -22.50 -21.85
C ASP A 38 25.22 -22.42 -22.75
N ARG A 39 25.34 -21.66 -23.85
CA ARG A 39 24.23 -21.45 -24.77
C ARG A 39 23.84 -22.71 -25.54
N GLN A 40 24.73 -23.71 -25.53
CA GLN A 40 24.40 -25.07 -26.03
C GLN A 40 23.83 -25.99 -24.95
N GLY A 41 23.45 -25.40 -23.82
CA GLY A 41 22.97 -26.13 -22.65
C GLY A 41 23.94 -27.12 -22.03
N GLN A 42 25.25 -26.93 -22.23
CA GLN A 42 26.28 -27.76 -21.55
C GLN A 42 26.68 -27.21 -20.18
N ILE A 43 26.86 -28.06 -19.17
CA ILE A 43 27.33 -27.58 -17.86
C ILE A 43 28.76 -27.11 -17.97
N ILE A 44 29.05 -25.93 -17.45
CA ILE A 44 30.40 -25.40 -17.56
C ILE A 44 31.33 -25.91 -16.47
N ASN A 45 30.81 -26.08 -15.27
CA ASN A 45 31.64 -26.40 -14.13
C ASN A 45 30.91 -27.46 -13.27
N PRO A 46 31.29 -28.73 -13.36
CA PRO A 46 30.56 -29.80 -12.72
C PRO A 46 30.23 -29.57 -11.25
N SER A 47 31.10 -28.91 -10.51
CA SER A 47 30.81 -28.70 -9.10
C SER A 47 29.62 -27.74 -8.87
N GLU A 48 29.17 -27.03 -9.91
CA GLU A 48 28.07 -26.10 -9.77
C GLU A 48 26.78 -26.72 -10.27
N ASP A 49 26.88 -27.88 -10.92
CA ASP A 49 25.66 -28.50 -11.43
C ASP A 49 24.71 -28.83 -10.26
N PRO A 50 23.46 -28.38 -10.26
CA PRO A 50 22.58 -28.69 -9.13
C PRO A 50 22.07 -30.15 -9.19
N HIS A 51 22.32 -30.85 -10.28
CA HIS A 51 21.78 -32.21 -10.51
C HIS A 51 20.29 -32.35 -10.13
N LEU A 52 19.45 -31.43 -10.63
CA LEU A 52 17.99 -31.56 -10.47
C LEU A 52 17.49 -32.84 -11.13
N PRO A 53 16.57 -33.56 -10.50
CA PRO A 53 16.05 -34.79 -11.09
C PRO A 53 15.25 -34.54 -12.35
N LYS A 54 15.14 -35.58 -13.18
CA LYS A 54 14.46 -35.51 -14.50
C LYS A 54 13.09 -34.82 -14.48
N GLU A 55 12.26 -35.22 -13.50
CA GLU A 55 10.87 -34.76 -13.43
C GLU A 55 10.82 -33.26 -13.13
N LYS A 56 11.73 -32.78 -12.29
CA LYS A 56 11.82 -31.37 -12.00
C LYS A 56 12.27 -30.49 -13.20
N VAL A 57 13.28 -30.96 -13.90
CA VAL A 57 13.80 -30.22 -15.05
C VAL A 57 12.74 -30.23 -16.12
N LEU A 58 12.05 -31.34 -16.27
CA LEU A 58 10.99 -31.37 -17.28
C LEU A 58 9.86 -30.40 -16.91
N LYS A 59 9.55 -30.32 -15.62
CA LYS A 59 8.56 -29.35 -15.16
C LYS A 59 9.04 -27.91 -15.45
N LEU A 60 10.35 -27.63 -15.29
CA LEU A 60 10.85 -26.26 -15.59
C LEU A 60 10.61 -26.03 -17.07
N TYR A 61 10.93 -27.03 -17.88
CA TYR A 61 10.82 -26.84 -19.31
C TYR A 61 9.36 -26.69 -19.74
N LYS A 62 8.51 -27.60 -19.31
CA LYS A 62 7.11 -27.48 -19.69
C LYS A 62 6.39 -26.21 -19.17
N SER A 63 6.76 -25.71 -17.99
CA SER A 63 6.18 -24.49 -17.49
C SER A 63 6.57 -23.34 -18.42
N MET A 64 7.83 -23.26 -18.84
N MET A 64 7.84 -23.31 -18.84
CA MET A 64 8.26 -22.14 -19.72
CA MET A 64 8.35 -22.30 -19.81
C MET A 64 7.67 -22.17 -21.11
C MET A 64 7.48 -22.22 -21.00
N THR A 65 7.41 -23.35 -21.68
CA THR A 65 6.79 -23.41 -22.99
C THR A 65 5.27 -23.21 -22.92
N LEU A 66 4.63 -23.70 -21.86
CA LEU A 66 3.21 -23.43 -21.65
C LEU A 66 2.97 -21.93 -21.49
N LEU A 67 3.81 -21.24 -20.72
CA LEU A 67 3.71 -19.79 -20.59
C LEU A 67 3.88 -19.14 -21.97
N ASN A 68 4.86 -19.62 -22.74
CA ASN A 68 5.12 -19.08 -24.05
C ASN A 68 3.91 -19.29 -24.99
N THR A 69 3.31 -20.47 -24.94
CA THR A 69 2.11 -20.79 -25.70
C THR A 69 0.96 -19.84 -25.30
N MET A 70 0.76 -19.67 -23.98
CA MET A 70 -0.29 -18.83 -23.47
C MET A 70 -0.02 -17.38 -23.89
N ASP A 71 1.22 -16.92 -23.78
CA ASP A 71 1.57 -15.56 -24.21
C ASP A 71 1.19 -15.30 -25.67
N ARG A 72 1.42 -16.29 -26.52
CA ARG A 72 1.18 -16.08 -27.96
C ARG A 72 -0.29 -15.87 -28.19
N ILE A 73 -1.07 -16.74 -27.58
CA ILE A 73 -2.49 -16.72 -27.77
C ILE A 73 -3.15 -15.44 -27.19
N LEU A 74 -2.75 -15.07 -25.97
CA LEU A 74 -3.34 -13.88 -25.34
C LEU A 74 -2.88 -12.56 -26.00
N TYR A 75 -1.64 -12.53 -26.50
CA TYR A 75 -1.15 -11.39 -27.26
C TYR A 75 -2.09 -11.23 -28.48
N GLU A 76 -2.32 -12.34 -29.22
CA GLU A 76 -3.25 -12.29 -30.39
C GLU A 76 -4.64 -11.84 -29.97
N SER A 77 -5.13 -12.37 -28.84
CA SER A 77 -6.45 -12.01 -28.35
C SER A 77 -6.55 -10.48 -28.11
N GLN A 78 -5.49 -9.91 -27.55
CA GLN A 78 -5.43 -8.45 -27.38
C GLN A 78 -5.49 -7.69 -28.72
N ARG A 79 -4.67 -8.09 -29.69
CA ARG A 79 -4.64 -7.42 -31.02
C ARG A 79 -6.04 -7.35 -31.65
N GLN A 80 -6.82 -8.41 -31.41
CA GLN A 80 -8.17 -8.48 -31.95
C GLN A 80 -9.16 -7.80 -31.02
N GLY A 81 -8.71 -7.28 -29.90
CA GLY A 81 -9.61 -6.62 -28.95
C GLY A 81 -10.53 -7.49 -28.14
N ARG A 82 -10.21 -8.78 -28.02
CA ARG A 82 -10.95 -9.67 -27.15
C ARG A 82 -10.67 -9.45 -25.67
N ILE A 83 -9.43 -9.11 -25.31
CA ILE A 83 -9.08 -8.62 -23.96
C ILE A 83 -8.51 -7.23 -24.15
N SER A 84 -8.50 -6.41 -23.10
CA SER A 84 -8.15 -5.01 -23.30
C SER A 84 -6.64 -4.75 -23.35
N PHE A 85 -5.83 -5.67 -22.83
CA PHE A 85 -4.41 -5.38 -22.60
C PHE A 85 -3.65 -6.66 -22.38
N TYR A 86 -2.36 -6.71 -22.70
CA TYR A 86 -1.59 -7.91 -22.32
C TYR A 86 -0.09 -7.56 -22.24
N MET A 87 0.66 -8.32 -21.46
CA MET A 87 2.14 -8.15 -21.45
C MET A 87 2.75 -9.49 -21.54
N THR A 88 3.66 -9.68 -22.49
CA THR A 88 4.23 -11.01 -22.63
C THR A 88 5.44 -11.13 -21.71
N ASN A 89 5.97 -12.33 -21.67
CA ASN A 89 7.09 -12.64 -20.81
C ASN A 89 8.26 -13.15 -21.62
N TYR A 90 8.32 -12.83 -22.93
CA TYR A 90 9.35 -13.44 -23.80
C TYR A 90 10.74 -13.05 -23.43
N GLY A 91 11.58 -14.09 -23.34
CA GLY A 91 12.98 -13.96 -23.00
C GLY A 91 13.29 -14.08 -21.51
N GLU A 92 12.29 -13.90 -20.67
CA GLU A 92 12.49 -13.86 -19.23
C GLU A 92 11.90 -15.10 -18.55
N GLU A 93 11.49 -16.11 -19.35
CA GLU A 93 10.82 -17.29 -18.79
C GLU A 93 11.71 -18.07 -17.80
N GLY A 94 13.04 -18.02 -18.04
CA GLY A 94 14.05 -18.71 -17.27
C GLY A 94 14.25 -18.13 -15.88
N THR A 95 14.19 -16.79 -15.78
CA THR A 95 14.29 -16.16 -14.48
C THR A 95 13.08 -16.58 -13.65
N HIS A 96 11.90 -16.65 -14.27
CA HIS A 96 10.68 -16.97 -13.50
C HIS A 96 10.76 -18.39 -12.91
N VAL A 97 10.99 -19.37 -13.79
CA VAL A 97 10.85 -20.74 -13.33
C VAL A 97 12.06 -21.20 -12.54
N GLY A 98 13.26 -20.76 -12.91
CA GLY A 98 14.49 -21.05 -12.13
C GLY A 98 14.36 -20.58 -10.70
N SER A 99 13.82 -19.36 -10.51
CA SER A 99 13.74 -18.82 -9.16
C SER A 99 12.60 -19.54 -8.42
N ALA A 100 11.41 -19.64 -9.06
CA ALA A 100 10.26 -20.27 -8.38
C ALA A 100 10.59 -21.71 -7.91
N ALA A 101 11.40 -22.45 -8.70
CA ALA A 101 11.71 -23.84 -8.32
C ALA A 101 12.63 -23.93 -7.11
N ALA A 102 13.43 -22.89 -6.88
CA ALA A 102 14.30 -22.84 -5.70
C ALA A 102 13.61 -22.41 -4.40
N LEU A 103 12.37 -21.94 -4.49
CA LEU A 103 11.58 -21.51 -3.34
C LEU A 103 10.77 -22.64 -2.71
N ASP A 104 10.49 -22.54 -1.41
CA ASP A 104 9.47 -23.42 -0.80
C ASP A 104 8.10 -23.00 -1.30
N ASN A 105 7.19 -23.97 -1.40
CA ASN A 105 5.82 -23.77 -1.81
C ASN A 105 5.10 -22.64 -1.14
N THR A 106 5.44 -22.43 0.13
CA THR A 106 4.78 -21.39 0.91
C THR A 106 5.54 -20.07 1.04
N ASP A 107 6.69 -19.94 0.39
CA ASP A 107 7.39 -18.66 0.43
C ASP A 107 6.48 -17.67 -0.28
N LEU A 108 6.38 -16.49 0.33
CA LEU A 108 5.43 -15.51 -0.14
C LEU A 108 6.11 -14.67 -1.24
N VAL A 109 5.41 -14.50 -2.36
CA VAL A 109 5.95 -13.82 -3.54
C VAL A 109 5.25 -12.50 -3.75
N PHE A 110 6.05 -11.40 -3.90
CA PHE A 110 5.51 -10.15 -4.46
C PHE A 110 6.19 -9.90 -5.81
N GLY A 111 5.43 -9.38 -6.76
CA GLY A 111 5.99 -9.17 -8.11
C GLY A 111 5.65 -7.86 -8.68
N GLN A 112 5.88 -7.73 -9.98
CA GLN A 112 5.76 -6.48 -10.67
C GLN A 112 4.67 -6.59 -11.70
N TYR A 113 4.77 -7.61 -12.57
CA TYR A 113 3.81 -7.92 -13.67
C TYR A 113 4.40 -8.79 -14.73
N ARG A 114 5.72 -8.96 -14.71
CA ARG A 114 6.28 -9.79 -15.76
C ARG A 114 6.91 -11.01 -15.16
N GLU A 115 6.13 -11.73 -14.35
CA GLU A 115 6.64 -12.89 -13.56
C GLU A 115 5.61 -14.01 -13.55
N ALA A 116 4.78 -14.06 -14.56
CA ALA A 116 3.67 -15.05 -14.55
C ALA A 116 4.19 -16.49 -14.49
N GLY A 117 5.42 -16.72 -14.96
CA GLY A 117 6.01 -18.10 -14.85
C GLY A 117 6.12 -18.62 -13.42
N VAL A 118 6.27 -17.72 -12.45
CA VAL A 118 6.25 -18.11 -11.05
C VAL A 118 4.91 -18.78 -10.71
N LEU A 119 3.81 -18.11 -11.06
CA LEU A 119 2.46 -18.70 -10.86
C LEU A 119 2.28 -19.97 -11.67
N MET A 120 2.76 -19.97 -12.90
CA MET A 120 2.64 -21.18 -13.73
C MET A 120 3.40 -22.38 -13.09
N TYR A 121 4.57 -22.11 -12.54
CA TYR A 121 5.36 -23.12 -11.89
C TYR A 121 4.62 -23.64 -10.66
N ARG A 122 3.93 -22.72 -9.99
CA ARG A 122 3.12 -23.10 -8.84
C ARG A 122 1.74 -23.63 -9.22
N ASP A 123 1.58 -24.02 -10.49
CA ASP A 123 0.41 -24.74 -10.97
C ASP A 123 -0.88 -23.90 -10.90
N TYR A 124 -0.78 -22.59 -11.13
CA TYR A 124 -1.98 -21.77 -11.19
C TYR A 124 -2.80 -22.19 -12.45
N PRO A 125 -4.10 -22.48 -12.32
CA PRO A 125 -4.84 -22.97 -13.51
C PRO A 125 -4.84 -22.00 -14.68
N LEU A 126 -4.71 -22.54 -15.89
CA LEU A 126 -4.95 -21.75 -17.11
C LEU A 126 -6.26 -20.96 -17.07
N GLU A 127 -7.32 -21.59 -16.58
CA GLU A 127 -8.65 -21.00 -16.45
C GLU A 127 -8.61 -19.67 -15.68
N LEU A 128 -7.73 -19.61 -14.69
CA LEU A 128 -7.63 -18.43 -13.80
C LEU A 128 -6.73 -17.37 -14.38
N PHE A 129 -5.64 -17.73 -15.06
CA PHE A 129 -4.93 -16.73 -15.80
C PHE A 129 -5.94 -16.12 -16.76
N MET A 130 -6.72 -16.95 -17.46
CA MET A 130 -7.62 -16.34 -18.45
C MET A 130 -8.77 -15.56 -17.82
N ALA A 131 -9.32 -16.08 -16.72
CA ALA A 131 -10.41 -15.34 -16.01
C ALA A 131 -10.01 -13.92 -15.66
N GLN A 132 -8.77 -13.72 -15.21
CA GLN A 132 -8.32 -12.39 -14.85
C GLN A 132 -8.18 -11.55 -16.12
N CYS A 133 -7.58 -12.10 -17.18
CA CYS A 133 -7.42 -11.27 -18.39
C CYS A 133 -8.75 -10.91 -18.99
N TYR A 134 -9.74 -11.81 -18.89
CA TYR A 134 -11.09 -11.50 -19.37
C TYR A 134 -11.96 -10.77 -18.37
N GLY A 135 -11.53 -10.66 -17.12
CA GLY A 135 -12.41 -10.10 -16.09
C GLY A 135 -13.77 -10.84 -16.00
N ASN A 136 -13.77 -12.17 -16.10
CA ASN A 136 -15.05 -12.92 -16.13
C ASN A 136 -15.44 -13.39 -14.72
N ILE A 137 -16.57 -14.11 -14.63
CA ILE A 137 -17.09 -14.54 -13.32
C ILE A 137 -16.19 -15.42 -12.53
N SER A 138 -15.31 -16.15 -13.21
CA SER A 138 -14.40 -17.03 -12.49
C SER A 138 -13.24 -16.25 -11.88
N ASP A 139 -13.06 -14.99 -12.26
CA ASP A 139 -11.94 -14.22 -11.71
C ASP A 139 -12.11 -13.94 -10.19
N LEU A 140 -11.18 -14.42 -9.35
CA LEU A 140 -11.33 -14.15 -7.90
C LEU A 140 -11.05 -12.67 -7.57
N GLY A 141 -10.38 -11.99 -8.49
CA GLY A 141 -10.20 -10.52 -8.50
C GLY A 141 -11.44 -9.76 -8.93
N LYS A 142 -12.49 -10.50 -9.31
CA LYS A 142 -13.80 -9.92 -9.60
C LYS A 142 -13.81 -8.94 -10.80
N GLY A 143 -12.87 -9.14 -11.73
CA GLY A 143 -12.72 -8.29 -12.95
C GLY A 143 -12.30 -6.84 -12.67
N ARG A 144 -11.75 -6.56 -11.48
CA ARG A 144 -11.57 -5.13 -11.10
C ARG A 144 -10.30 -4.49 -11.63
N GLN A 145 -9.25 -5.30 -11.84
CA GLN A 145 -7.92 -4.82 -12.28
C GLN A 145 -7.71 -5.15 -13.73
N MET A 146 -6.82 -4.41 -14.39
N MET A 146 -6.79 -4.41 -14.35
CA MET A 146 -6.54 -4.65 -15.81
CA MET A 146 -6.40 -4.66 -15.75
C MET A 146 -5.82 -6.00 -15.97
C MET A 146 -5.88 -6.09 -15.93
N PRO A 147 -5.84 -6.58 -17.15
CA PRO A 147 -5.19 -7.83 -17.41
C PRO A 147 -3.72 -7.94 -16.95
N VAL A 148 -3.37 -9.18 -16.58
CA VAL A 148 -2.07 -9.65 -16.06
C VAL A 148 -1.80 -9.18 -14.64
N HIS A 149 -2.82 -8.72 -13.97
CA HIS A 149 -2.65 -8.28 -12.58
C HIS A 149 -3.10 -9.44 -11.68
N TYR A 150 -2.30 -10.52 -11.72
CA TYR A 150 -2.67 -11.79 -11.08
C TYR A 150 -2.39 -11.74 -9.60
N GLY A 151 -3.08 -12.58 -8.85
CA GLY A 151 -2.86 -12.78 -7.42
C GLY A 151 -3.45 -14.13 -7.04
N CYS A 152 -2.82 -14.81 -6.10
CA CYS A 152 -3.38 -16.12 -5.64
C CYS A 152 -3.03 -16.32 -4.17
N LYS A 153 -4.06 -16.39 -3.32
CA LYS A 153 -3.82 -16.59 -1.90
C LYS A 153 -3.33 -18.03 -1.61
N GLU A 154 -3.95 -18.99 -2.27
CA GLU A 154 -3.62 -20.39 -2.14
C GLU A 154 -2.13 -20.67 -2.44
N ARG A 155 -1.60 -19.95 -3.44
CA ARG A 155 -0.23 -20.13 -3.89
C ARG A 155 0.69 -18.98 -3.47
N HIS A 156 0.23 -18.13 -2.54
CA HIS A 156 1.11 -17.24 -1.78
C HIS A 156 1.80 -16.37 -2.79
N PHE A 157 0.98 -15.77 -3.63
CA PHE A 157 1.43 -14.89 -4.68
C PHE A 157 0.57 -13.63 -4.57
N VAL A 158 1.15 -12.58 -3.98
CA VAL A 158 0.41 -11.34 -3.73
C VAL A 158 0.00 -10.62 -4.98
N THR A 159 -1.25 -10.19 -4.99
CA THR A 159 -1.85 -9.55 -6.16
C THR A 159 -0.99 -8.42 -6.66
N ILE A 160 -0.66 -8.50 -7.95
CA ILE A 160 0.09 -7.42 -8.66
C ILE A 160 -0.64 -6.10 -8.70
N SER A 161 0.08 -4.97 -8.58
CA SER A 161 -0.57 -3.71 -8.83
C SER A 161 0.34 -2.95 -9.78
N SER A 162 -0.22 -1.97 -10.49
CA SER A 162 0.52 -1.27 -11.54
C SER A 162 1.62 -0.31 -11.03
N PRO A 163 1.40 0.42 -9.92
CA PRO A 163 2.41 1.41 -9.45
C PRO A 163 3.75 0.70 -9.24
N LEU A 164 4.80 1.14 -9.95
CA LEU A 164 6.07 0.46 -9.87
C LEU A 164 6.71 0.58 -8.49
N ALA A 165 7.30 -0.55 -8.06
CA ALA A 165 8.16 -0.65 -6.84
C ALA A 165 7.47 -0.50 -5.49
N THR A 166 6.16 -0.20 -5.48
CA THR A 166 5.45 -0.17 -4.19
C THR A 166 5.51 -1.45 -3.38
N GLN A 167 5.59 -2.59 -4.07
CA GLN A 167 5.64 -3.86 -3.40
C GLN A 167 6.97 -4.13 -2.67
N ILE A 168 8.03 -3.35 -2.98
CA ILE A 168 9.38 -3.61 -2.41
C ILE A 168 9.37 -3.42 -0.85
N PRO A 169 8.98 -2.25 -0.34
CA PRO A 169 8.95 -2.12 1.12
C PRO A 169 7.80 -2.91 1.75
N GLN A 170 6.71 -3.18 1.02
CA GLN A 170 5.70 -4.16 1.55
C GLN A 170 6.26 -5.53 1.74
N ALA A 171 6.99 -6.00 0.73
CA ALA A 171 7.65 -7.37 0.87
C ALA A 171 8.52 -7.38 2.12
N VAL A 172 9.24 -6.28 2.34
CA VAL A 172 10.06 -6.17 3.52
C VAL A 172 9.25 -6.25 4.83
N GLY A 173 8.13 -5.54 4.92
CA GLY A 173 7.26 -5.69 6.09
C GLY A 173 6.75 -7.13 6.30
N ALA A 174 6.40 -7.79 5.19
CA ALA A 174 5.84 -9.18 5.27
C ALA A 174 6.98 -10.07 5.77
N ALA A 175 8.24 -9.81 5.31
CA ALA A 175 9.42 -10.59 5.77
C ALA A 175 9.72 -10.39 7.28
N TYR A 176 9.57 -9.15 7.73
CA TYR A 176 9.67 -8.85 9.18
C TYR A 176 8.68 -9.62 10.01
N ALA A 177 7.45 -9.65 9.54
CA ALA A 177 6.39 -10.37 10.22
C ALA A 177 6.65 -11.89 10.30
N ALA A 178 7.18 -12.43 9.20
CA ALA A 178 7.55 -13.86 9.12
C ALA A 178 8.65 -14.21 10.10
N LYS A 179 9.61 -13.29 10.24
CA LYS A 179 10.72 -13.42 11.18
C LYS A 179 10.15 -13.59 12.55
N ARG A 180 9.24 -12.66 12.87
CA ARG A 180 8.59 -12.64 14.19
C ARG A 180 7.83 -13.93 14.38
N ALA A 181 7.09 -14.34 13.35
CA ALA A 181 6.27 -15.56 13.47
C ALA A 181 7.15 -16.78 13.63
N ASN A 182 8.45 -16.59 13.40
CA ASN A 182 9.41 -17.68 13.40
C ASN A 182 9.10 -18.69 12.31
N ALA A 183 8.81 -18.16 11.13
CA ALA A 183 8.22 -18.89 10.03
C ALA A 183 9.00 -20.10 9.35
N ASN A 184 10.34 -20.10 9.38
CA ASN A 184 11.14 -20.75 8.31
C ASN A 184 10.52 -20.49 6.93
N ARG A 185 10.29 -19.22 6.62
CA ARG A 185 9.70 -18.81 5.37
C ARG A 185 10.49 -17.56 4.91
N VAL A 186 10.65 -17.39 3.58
CA VAL A 186 11.30 -16.19 3.01
C VAL A 186 10.23 -15.53 2.21
N VAL A 187 10.42 -14.24 1.97
CA VAL A 187 9.64 -13.53 1.02
C VAL A 187 10.54 -13.20 -0.19
N ILE A 188 10.05 -13.36 -1.42
CA ILE A 188 10.83 -12.89 -2.55
C ILE A 188 10.12 -11.74 -3.20
N CYS A 189 10.88 -10.80 -3.73
CA CYS A 189 10.27 -9.57 -4.27
C CYS A 189 10.89 -9.26 -5.63
N TYR A 190 10.12 -9.51 -6.67
CA TYR A 190 10.55 -9.23 -8.06
C TYR A 190 10.23 -7.78 -8.52
N PHE A 191 11.13 -7.18 -9.29
CA PHE A 191 10.93 -5.83 -9.91
C PHE A 191 11.92 -5.74 -11.05
N GLY A 192 11.66 -4.84 -12.00
CA GLY A 192 12.63 -4.61 -13.10
C GLY A 192 13.61 -3.51 -12.77
N GLU A 193 14.54 -3.27 -13.70
CA GLU A 193 15.65 -2.33 -13.48
C GLU A 193 15.18 -0.88 -13.46
N GLY A 194 14.14 -0.62 -14.26
CA GLY A 194 13.41 0.67 -14.26
C GLY A 194 12.79 0.92 -12.88
N ALA A 195 11.98 -0.04 -12.41
CA ALA A 195 11.34 0.12 -11.12
C ALA A 195 12.35 0.34 -9.98
N ALA A 196 13.58 -0.15 -10.12
CA ALA A 196 14.60 0.02 -9.10
C ALA A 196 15.01 1.48 -8.93
N SER A 197 14.63 2.34 -9.87
CA SER A 197 14.88 3.79 -9.79
C SER A 197 13.91 4.50 -8.84
N GLU A 198 12.80 3.86 -8.47
CA GLU A 198 11.83 4.60 -7.65
C GLU A 198 12.38 4.75 -6.22
N GLY A 199 11.94 5.78 -5.51
CA GLY A 199 12.23 5.94 -4.05
C GLY A 199 11.91 4.72 -3.22
N ASP A 200 10.77 4.07 -3.48
CA ASP A 200 10.40 2.83 -2.74
C ASP A 200 11.45 1.76 -2.76
N ALA A 201 12.32 1.68 -3.81
CA ALA A 201 13.35 0.66 -3.81
C ALA A 201 14.41 0.93 -2.76
N HIS A 202 14.74 2.19 -2.60
CA HIS A 202 15.77 2.62 -1.64
C HIS A 202 15.21 2.36 -0.22
N ALA A 203 13.94 2.67 -0.01
CA ALA A 203 13.24 2.43 1.25
C ALA A 203 13.31 0.94 1.58
N GLY A 204 12.89 0.09 0.67
CA GLY A 204 12.87 -1.34 0.97
C GLY A 204 14.25 -1.93 1.21
N PHE A 205 15.23 -1.58 0.36
CA PHE A 205 16.58 -2.09 0.54
C PHE A 205 17.13 -1.74 1.93
N ASN A 206 17.00 -0.47 2.30
CA ASN A 206 17.56 -0.01 3.58
C ASN A 206 16.82 -0.63 4.76
N PHE A 207 15.48 -0.63 4.70
CA PHE A 207 14.69 -1.27 5.77
C PHE A 207 15.04 -2.73 5.96
N ALA A 208 15.17 -3.46 4.87
CA ALA A 208 15.53 -4.87 4.93
C ALA A 208 16.82 -5.09 5.66
N ALA A 209 17.83 -4.30 5.35
CA ALA A 209 19.13 -4.44 5.98
C ALA A 209 19.08 -4.01 7.47
N THR A 210 18.45 -2.87 7.77
CA THR A 210 18.53 -2.34 9.16
C THR A 210 17.64 -3.13 10.12
N LEU A 211 16.50 -3.62 9.61
CA LEU A 211 15.54 -4.41 10.41
C LEU A 211 15.80 -5.92 10.33
N GLU A 212 16.77 -6.35 9.51
CA GLU A 212 17.28 -7.76 9.46
C GLU A 212 16.17 -8.72 9.01
N CYS A 213 15.77 -8.59 7.75
CA CYS A 213 14.60 -9.30 7.22
C CYS A 213 15.02 -10.44 6.26
N PRO A 214 14.34 -11.59 6.37
CA PRO A 214 14.56 -12.74 5.50
C PRO A 214 13.86 -12.49 4.15
N ILE A 215 14.48 -11.65 3.34
CA ILE A 215 13.94 -11.36 2.00
C ILE A 215 14.97 -11.56 0.88
N ILE A 216 14.45 -11.95 -0.26
CA ILE A 216 15.21 -11.95 -1.51
C ILE A 216 14.63 -10.88 -2.45
N PHE A 217 15.45 -9.89 -2.74
CA PHE A 217 15.16 -8.94 -3.80
C PHE A 217 15.67 -9.50 -5.11
N PHE A 218 14.78 -9.62 -6.09
CA PHE A 218 15.08 -10.23 -7.40
C PHE A 218 14.81 -9.26 -8.52
N CYS A 219 15.87 -8.71 -9.10
CA CYS A 219 15.72 -7.68 -10.10
C CYS A 219 15.87 -8.31 -11.48
N ARG A 220 14.84 -8.20 -12.32
CA ARG A 220 14.93 -8.62 -13.74
C ARG A 220 15.49 -7.41 -14.48
N ASN A 221 16.78 -7.45 -14.81
CA ASN A 221 17.41 -6.44 -15.66
C ASN A 221 17.40 -6.87 -17.13
N ASN A 222 16.46 -6.31 -17.91
CA ASN A 222 16.21 -6.77 -19.26
C ASN A 222 16.55 -5.65 -20.22
N GLY A 223 17.31 -4.66 -19.72
CA GLY A 223 17.92 -3.70 -20.61
C GLY A 223 17.08 -2.46 -20.98
N TYR A 224 15.78 -2.51 -20.75
CA TYR A 224 14.87 -1.41 -21.10
C TYR A 224 13.76 -1.27 -20.12
N ALA A 225 13.38 -0.03 -19.84
CA ALA A 225 12.08 0.25 -19.18
C ALA A 225 11.22 0.98 -20.22
N ILE A 226 10.29 0.27 -20.85
CA ILE A 226 9.61 0.79 -22.07
C ILE A 226 10.64 1.19 -23.13
N SER A 227 10.83 2.47 -23.38
CA SER A 227 11.76 2.90 -24.43
C SER A 227 13.14 3.29 -23.88
N THR A 228 13.23 3.36 -22.58
CA THR A 228 14.40 3.94 -21.95
C THR A 228 15.48 2.85 -21.76
N PRO A 229 16.65 3.01 -22.38
CA PRO A 229 17.74 2.04 -22.21
C PRO A 229 18.39 2.26 -20.84
N THR A 230 19.05 1.24 -20.31
CA THR A 230 19.73 1.33 -18.98
C THR A 230 20.74 2.50 -18.90
N SER A 231 21.29 2.89 -20.03
CA SER A 231 22.19 4.05 -20.02
C SER A 231 21.51 5.37 -19.57
N GLU A 232 20.17 5.44 -19.67
CA GLU A 232 19.44 6.60 -19.17
C GLU A 232 18.76 6.29 -17.84
N GLN A 233 18.89 5.07 -17.36
CA GLN A 233 18.24 4.68 -16.13
C GLN A 233 19.15 4.82 -14.88
N TYR A 234 20.47 4.65 -15.09
CA TYR A 234 21.45 4.63 -14.00
C TYR A 234 22.84 4.72 -14.59
N ARG A 235 23.82 5.07 -13.73
CA ARG A 235 25.21 5.19 -14.21
C ARG A 235 26.14 4.31 -13.42
N GLY A 236 25.65 3.67 -12.37
CA GLY A 236 26.51 2.75 -11.69
C GLY A 236 26.45 1.39 -12.40
N ASP A 237 27.14 0.43 -11.80
CA ASP A 237 27.20 -0.91 -12.34
C ASP A 237 25.86 -1.68 -12.03
N GLY A 238 24.77 -1.29 -12.71
CA GLY A 238 23.56 -2.09 -12.63
C GLY A 238 22.92 -1.99 -11.23
N ILE A 239 22.01 -2.94 -10.95
CA ILE A 239 21.34 -2.93 -9.67
C ILE A 239 22.20 -3.64 -8.61
N ALA A 240 22.88 -4.71 -9.02
CA ALA A 240 23.66 -5.53 -8.08
C ALA A 240 24.69 -4.73 -7.27
N ALA A 241 25.32 -3.75 -7.90
CA ALA A 241 26.32 -2.95 -7.22
C ALA A 241 25.77 -1.99 -6.14
N ARG A 242 24.50 -1.65 -6.22
CA ARG A 242 23.87 -0.95 -5.11
C ARG A 242 23.72 -1.73 -3.81
N GLY A 243 23.59 -3.07 -3.90
CA GLY A 243 23.28 -3.88 -2.71
C GLY A 243 24.29 -3.65 -1.55
N PRO A 244 25.58 -3.79 -1.84
CA PRO A 244 26.59 -3.64 -0.80
C PRO A 244 26.55 -2.33 0.00
N GLY A 245 26.19 -1.22 -0.68
CA GLY A 245 26.04 0.06 -0.04
C GLY A 245 25.01 0.07 1.07
N TYR A 246 23.98 -0.80 0.94
CA TYR A 246 22.94 -1.00 1.93
C TYR A 246 23.28 -2.09 2.95
N GLY A 247 24.43 -2.74 2.75
CA GLY A 247 24.80 -3.82 3.62
C GLY A 247 24.17 -5.12 3.19
N ILE A 248 23.66 -5.20 1.95
CA ILE A 248 22.96 -6.41 1.43
C ILE A 248 23.90 -7.30 0.59
N MET A 249 23.94 -8.60 0.89
CA MET A 249 24.65 -9.58 0.07
C MET A 249 24.08 -9.67 -1.31
N SER A 250 24.94 -9.61 -2.33
CA SER A 250 24.50 -9.39 -3.72
C SER A 250 25.17 -10.30 -4.71
N ILE A 251 24.46 -10.61 -5.79
CA ILE A 251 25.03 -11.43 -6.86
C ILE A 251 24.34 -11.08 -8.16
N ARG A 252 25.06 -11.24 -9.25
CA ARG A 252 24.50 -11.04 -10.55
C ARG A 252 24.49 -12.40 -11.29
N VAL A 253 23.38 -12.72 -11.97
CA VAL A 253 23.33 -14.06 -12.61
C VAL A 253 22.90 -13.92 -14.09
N ASP A 254 23.28 -14.86 -14.92
CA ASP A 254 22.73 -15.01 -16.28
C ASP A 254 21.23 -15.46 -16.21
N GLY A 255 20.34 -14.50 -16.49
CA GLY A 255 18.89 -14.69 -16.34
C GLY A 255 18.36 -15.57 -17.45
N ASN A 256 19.20 -15.90 -18.44
CA ASN A 256 18.80 -16.85 -19.49
C ASN A 256 19.24 -18.27 -19.17
N ASP A 257 19.76 -18.46 -17.97
CA ASP A 257 20.32 -19.76 -17.59
C ASP A 257 19.50 -20.16 -16.36
N VAL A 258 18.49 -21.01 -16.58
CA VAL A 258 17.66 -21.57 -15.46
C VAL A 258 18.45 -22.08 -14.28
N PHE A 259 19.57 -22.78 -14.53
CA PHE A 259 20.31 -23.40 -13.43
C PHE A 259 21.11 -22.35 -12.67
N ALA A 260 21.60 -21.31 -13.35
CA ALA A 260 22.25 -20.19 -12.61
C ALA A 260 21.26 -19.47 -11.69
N VAL A 261 20.09 -19.15 -12.25
CA VAL A 261 19.04 -18.52 -11.49
C VAL A 261 18.64 -19.44 -10.31
N TYR A 262 18.46 -20.74 -10.59
CA TYR A 262 18.05 -21.66 -9.53
C TYR A 262 19.08 -21.69 -8.37
N ASN A 263 20.33 -21.93 -8.72
CA ASN A 263 21.42 -21.98 -7.76
C ASN A 263 21.51 -20.72 -6.88
N ALA A 264 21.47 -19.54 -7.49
CA ALA A 264 21.56 -18.32 -6.67
C ALA A 264 20.35 -18.16 -5.74
N THR A 265 19.18 -18.45 -6.27
CA THR A 265 17.93 -18.34 -5.54
C THR A 265 17.88 -19.33 -4.39
N LYS A 266 18.33 -20.58 -4.63
CA LYS A 266 18.38 -21.61 -3.60
C LYS A 266 19.28 -21.22 -2.40
N GLU A 267 20.46 -20.68 -2.71
CA GLU A 267 21.46 -20.32 -1.71
C GLU A 267 21.05 -19.05 -0.96
N ALA A 268 20.52 -18.04 -1.69
CA ALA A 268 19.93 -16.81 -1.05
C ALA A 268 18.81 -17.21 -0.06
N ARG A 269 17.99 -18.15 -0.48
CA ARG A 269 16.87 -18.58 0.34
C ARG A 269 17.34 -19.22 1.58
N ARG A 270 18.26 -20.19 1.45
CA ARG A 270 18.86 -20.84 2.60
C ARG A 270 19.44 -19.83 3.58
N ARG A 271 20.16 -18.84 3.04
CA ARG A 271 20.92 -17.98 3.90
C ARG A 271 20.00 -16.86 4.46
N ALA A 272 19.09 -16.36 3.63
CA ALA A 272 18.09 -15.39 4.15
C ALA A 272 17.30 -15.91 5.36
N VAL A 273 16.77 -17.13 5.27
CA VAL A 273 15.96 -17.66 6.32
C VAL A 273 16.78 -17.95 7.58
N ALA A 274 17.99 -18.49 7.39
CA ALA A 274 18.87 -18.88 8.46
C ALA A 274 19.36 -17.68 9.22
N GLU A 275 19.78 -16.64 8.50
CA GLU A 275 20.50 -15.52 9.10
C GLU A 275 19.62 -14.29 9.33
N ASN A 276 18.38 -14.31 8.84
CA ASN A 276 17.52 -13.15 8.82
C ASN A 276 18.24 -12.00 8.19
N GLN A 277 18.70 -12.18 6.95
CA GLN A 277 19.37 -11.09 6.22
C GLN A 277 18.96 -11.11 4.78
N PRO A 278 18.82 -9.92 4.20
CA PRO A 278 18.42 -9.82 2.80
C PRO A 278 19.51 -10.17 1.77
N PHE A 279 19.07 -10.71 0.62
CA PHE A 279 19.93 -11.02 -0.52
C PHE A 279 19.35 -10.33 -1.69
N LEU A 280 20.24 -9.82 -2.54
CA LEU A 280 19.86 -9.20 -3.80
C LEU A 280 20.40 -10.03 -4.94
N ILE A 281 19.52 -10.47 -5.82
CA ILE A 281 19.92 -11.13 -7.09
C ILE A 281 19.53 -10.24 -8.29
N GLU A 282 20.47 -9.94 -9.15
CA GLU A 282 20.17 -9.25 -10.41
C GLU A 282 20.35 -10.27 -11.55
N ALA A 283 19.25 -10.56 -12.24
CA ALA A 283 19.24 -11.50 -13.34
C ALA A 283 19.29 -10.72 -14.61
N MET A 284 20.37 -10.92 -15.35
CA MET A 284 20.62 -10.18 -16.59
C MET A 284 19.89 -10.93 -17.68
N THR A 285 19.07 -10.22 -18.41
CA THR A 285 18.29 -10.87 -19.42
C THR A 285 18.11 -9.88 -20.55
N TYR A 286 17.12 -10.14 -21.39
CA TYR A 286 16.77 -9.21 -22.43
C TYR A 286 15.25 -9.36 -22.70
N ARG A 287 14.55 -8.23 -22.72
CA ARG A 287 13.12 -8.17 -23.03
C ARG A 287 12.94 -8.34 -24.55
N ILE A 288 12.61 -9.57 -24.95
CA ILE A 288 12.46 -9.96 -26.33
C ILE A 288 11.16 -9.41 -26.94
N GLY A 289 10.06 -9.39 -26.20
CA GLY A 289 8.87 -8.78 -26.78
C GLY A 289 8.80 -7.25 -26.66
N HIS A 290 7.73 -6.69 -27.22
CA HIS A 290 7.34 -5.29 -26.94
C HIS A 290 7.14 -5.16 -25.41
N HIS A 291 7.10 -3.92 -24.91
CA HIS A 291 6.87 -3.73 -23.48
C HIS A 291 5.46 -4.25 -23.05
N SER A 292 4.48 -3.95 -23.91
CA SER A 292 3.11 -4.45 -23.76
C SER A 292 2.40 -4.32 -25.10
N THR A 293 1.12 -4.64 -25.10
CA THR A 293 0.30 -4.49 -26.30
C THR A 293 0.06 -3.04 -26.69
N SER A 294 0.28 -2.12 -25.76
CA SER A 294 0.17 -0.70 -26.11
C SER A 294 1.50 -0.16 -26.74
N ASP A 295 2.54 -1.00 -26.83
CA ASP A 295 3.89 -0.60 -27.26
C ASP A 295 4.30 -1.25 -28.60
N ASP A 296 4.79 -0.44 -29.52
CA ASP A 296 5.51 -0.92 -30.70
C ASP A 296 7.01 -0.64 -30.52
N SER A 297 7.72 -1.69 -30.13
CA SER A 297 9.11 -1.58 -29.65
C SER A 297 10.17 -1.36 -30.76
N SER A 298 9.73 -1.44 -32.03
CA SER A 298 10.60 -1.12 -33.17
C SER A 298 10.82 0.40 -33.33
N ALA A 299 10.07 1.19 -32.53
CA ALA A 299 10.21 2.66 -32.51
C ALA A 299 11.45 3.14 -31.73
N TYR A 300 12.08 2.26 -30.92
CA TYR A 300 13.27 2.68 -30.11
C TYR A 300 14.50 1.73 -30.08
N ARG A 301 14.47 0.66 -30.88
CA ARG A 301 15.60 -0.28 -30.96
C ARG A 301 15.61 -1.05 -32.29
N ASN A 307 15.86 -10.72 -32.83
CA ASN A 307 16.94 -9.86 -32.35
C ASN A 307 17.93 -10.66 -31.54
N TYR A 308 18.96 -11.20 -32.21
CA TYR A 308 20.10 -11.91 -31.56
C TYR A 308 19.68 -12.82 -30.38
N TRP A 309 19.15 -12.20 -29.33
CA TRP A 309 18.62 -12.87 -28.12
C TRP A 309 17.62 -13.97 -28.42
N ASP A 310 16.67 -13.69 -29.30
CA ASP A 310 15.64 -14.65 -29.68
C ASP A 310 16.26 -15.89 -30.34
N LYS A 311 17.28 -15.66 -31.17
CA LYS A 311 17.79 -16.70 -32.03
C LYS A 311 19.03 -17.37 -31.45
N GLN A 312 19.73 -16.69 -30.53
CA GLN A 312 21.08 -17.12 -30.11
C GLN A 312 21.34 -17.17 -28.59
N ASP A 313 20.44 -16.59 -27.82
CA ASP A 313 20.60 -16.60 -26.39
C ASP A 313 19.21 -16.52 -25.74
N HIS A 314 18.47 -17.61 -25.89
CA HIS A 314 17.10 -17.72 -25.37
C HIS A 314 17.06 -18.76 -24.24
N PRO A 315 16.39 -18.42 -23.11
CA PRO A 315 16.31 -19.36 -21.94
C PRO A 315 15.69 -20.72 -22.31
N ILE A 316 14.65 -20.72 -23.16
CA ILE A 316 13.93 -21.94 -23.49
C ILE A 316 14.79 -22.87 -24.37
N SER A 317 15.45 -22.31 -25.37
CA SER A 317 16.30 -23.12 -26.25
C SER A 317 17.46 -23.76 -25.50
N ARG A 318 18.02 -23.01 -24.57
CA ARG A 318 19.13 -23.49 -23.76
C ARG A 318 18.72 -24.70 -22.92
N LEU A 319 17.58 -24.58 -22.25
CA LEU A 319 17.02 -25.67 -21.45
C LEU A 319 16.68 -26.87 -22.32
N ARG A 320 16.04 -26.62 -23.46
CA ARG A 320 15.80 -27.70 -24.44
C ARG A 320 17.12 -28.43 -24.85
N HIS A 321 18.19 -27.70 -25.16
CA HIS A 321 19.48 -28.40 -25.43
C HIS A 321 19.94 -29.23 -24.24
N TYR A 322 19.79 -28.70 -23.03
CA TYR A 322 20.13 -29.49 -21.86
C TYR A 322 19.37 -30.82 -21.76
N LEU A 323 18.05 -30.79 -21.88
CA LEU A 323 17.24 -32.02 -21.85
C LEU A 323 17.68 -33.07 -22.88
N LEU A 324 18.00 -32.62 -24.08
CA LEU A 324 18.43 -33.56 -25.10
C LEU A 324 19.75 -34.21 -24.70
N SER A 325 20.66 -33.46 -24.04
CA SER A 325 21.95 -34.01 -23.62
C SER A 325 21.84 -35.15 -22.60
N GLN A 326 20.75 -35.17 -21.84
CA GLN A 326 20.54 -36.20 -20.82
C GLN A 326 19.75 -37.37 -21.37
N GLY A 327 19.18 -37.19 -22.57
CA GLY A 327 18.32 -38.22 -23.20
C GLY A 327 16.91 -38.08 -22.63
N TRP A 328 16.59 -36.87 -22.21
CA TRP A 328 15.35 -36.58 -21.51
C TRP A 328 14.24 -36.02 -22.41
N TRP A 329 14.51 -35.87 -23.69
CA TRP A 329 13.55 -35.24 -24.63
C TRP A 329 14.05 -35.48 -26.00
N ASP A 330 13.14 -35.41 -26.96
CA ASP A 330 13.50 -35.67 -28.37
C ASP A 330 12.41 -34.95 -29.19
N GLU A 331 12.53 -35.01 -30.51
CA GLU A 331 11.56 -34.37 -31.42
C GLU A 331 10.14 -34.86 -31.26
N GLU A 332 9.94 -36.16 -31.17
CA GLU A 332 8.61 -36.73 -30.95
C GLU A 332 7.93 -36.15 -29.69
N GLN A 333 8.65 -36.16 -28.57
CA GLN A 333 8.12 -35.61 -27.33
C GLN A 333 7.86 -34.13 -27.44
N GLU A 334 8.75 -33.41 -28.13
CA GLU A 334 8.56 -31.99 -28.37
C GLU A 334 7.30 -31.70 -29.18
N LYS A 335 7.08 -32.50 -30.23
CA LYS A 335 5.89 -32.39 -31.07
C LYS A 335 4.63 -32.70 -30.28
N ALA A 336 4.58 -33.84 -29.62
CA ALA A 336 3.41 -34.17 -28.83
C ALA A 336 3.09 -33.11 -27.74
N TRP A 337 4.10 -32.41 -27.23
CA TRP A 337 3.84 -31.52 -26.13
C TRP A 337 3.41 -30.17 -26.66
N ARG A 338 4.04 -29.74 -27.75
CA ARG A 338 3.62 -28.56 -28.48
C ARG A 338 2.12 -28.63 -28.76
N LYS A 339 1.66 -29.80 -29.22
CA LYS A 339 0.25 -30.08 -29.42
C LYS A 339 -0.64 -30.11 -28.14
N GLN A 340 -0.22 -30.85 -27.12
CA GLN A 340 -0.97 -30.91 -25.86
C GLN A 340 -1.09 -29.53 -25.22
N SER A 341 -0.01 -28.74 -25.28
CA SER A 341 -0.02 -27.46 -24.60
C SER A 341 -0.94 -26.49 -25.36
N ARG A 342 -0.91 -26.54 -26.70
CA ARG A 342 -1.82 -25.73 -27.56
C ARG A 342 -3.27 -26.07 -27.21
N ARG A 343 -3.59 -27.36 -27.12
CA ARG A 343 -4.93 -27.79 -26.75
C ARG A 343 -5.34 -27.33 -25.34
N LYS A 344 -4.47 -27.53 -24.35
CA LYS A 344 -4.76 -27.13 -22.97
C LYS A 344 -5.06 -25.63 -22.94
N VAL A 345 -4.25 -24.83 -23.66
CA VAL A 345 -4.46 -23.38 -23.68
C VAL A 345 -5.72 -22.94 -24.45
N MET A 346 -5.97 -23.57 -25.60
CA MET A 346 -7.16 -23.23 -26.36
C MET A 346 -8.42 -23.66 -25.63
N GLU A 347 -8.40 -24.79 -24.92
CA GLU A 347 -9.55 -25.15 -24.10
C GLU A 347 -9.87 -24.08 -23.05
N ALA A 348 -8.84 -23.59 -22.33
CA ALA A 348 -9.03 -22.57 -21.29
C ALA A 348 -9.51 -21.24 -21.90
N PHE A 349 -8.95 -20.93 -23.06
CA PHE A 349 -9.28 -19.74 -23.76
C PHE A 349 -10.76 -19.73 -24.19
N GLU A 350 -11.21 -20.80 -24.84
CA GLU A 350 -12.62 -20.84 -25.25
C GLU A 350 -13.60 -20.77 -24.06
N GLN A 351 -13.26 -21.48 -23.00
CA GLN A 351 -14.08 -21.43 -21.80
C GLN A 351 -14.09 -19.99 -21.25
N ALA A 352 -12.95 -19.32 -21.26
CA ALA A 352 -12.84 -17.97 -20.68
C ALA A 352 -13.70 -16.97 -21.47
N GLU A 353 -13.72 -17.12 -22.78
CA GLU A 353 -14.56 -16.26 -23.63
C GLU A 353 -16.02 -16.52 -23.49
N ARG A 354 -16.43 -17.73 -23.12
CA ARG A 354 -17.85 -17.99 -23.07
C ARG A 354 -18.43 -17.60 -21.71
N LYS A 355 -17.59 -17.33 -20.72
CA LYS A 355 -18.13 -16.98 -19.39
C LYS A 355 -18.68 -15.56 -19.37
N PRO A 356 -19.76 -15.34 -18.63
CA PRO A 356 -20.22 -13.95 -18.41
C PRO A 356 -19.26 -13.14 -17.51
N LYS A 357 -19.43 -11.82 -17.47
CA LYS A 357 -18.63 -10.96 -16.60
C LYS A 357 -19.39 -11.00 -15.27
N PRO A 358 -18.76 -10.57 -14.18
CA PRO A 358 -19.43 -10.64 -12.86
C PRO A 358 -20.56 -9.64 -12.72
N ASN A 359 -21.43 -9.88 -11.76
CA ASN A 359 -22.50 -8.90 -11.47
C ASN A 359 -21.95 -7.46 -11.27
N PRO A 360 -22.53 -6.45 -11.95
CA PRO A 360 -22.10 -5.05 -11.77
C PRO A 360 -22.14 -4.58 -10.31
N ASN A 361 -22.91 -5.28 -9.48
CA ASN A 361 -22.86 -5.10 -8.02
C ASN A 361 -21.49 -5.20 -7.40
N LEU A 362 -20.65 -6.06 -7.97
CA LEU A 362 -19.32 -6.30 -7.44
C LEU A 362 -18.41 -5.09 -7.62
N LEU A 363 -18.89 -4.04 -8.25
CA LEU A 363 -18.16 -2.79 -8.37
C LEU A 363 -18.07 -2.06 -7.01
N PHE A 364 -18.97 -2.36 -6.10
CA PHE A 364 -19.07 -1.70 -4.82
C PHE A 364 -18.52 -2.44 -3.62
N SER A 365 -18.41 -3.79 -3.70
CA SER A 365 -17.95 -4.55 -2.55
C SER A 365 -16.42 -4.52 -2.43
N ASP A 366 -15.92 -4.77 -1.19
CA ASP A 366 -14.48 -4.87 -0.84
C ASP A 366 -13.76 -3.56 -0.88
N VAL A 367 -14.48 -2.46 -0.98
CA VAL A 367 -13.78 -1.16 -0.99
C VAL A 367 -13.31 -1.02 0.48
N TYR A 368 -14.26 -1.29 1.40
CA TYR A 368 -13.93 -1.56 2.81
C TYR A 368 -14.32 -3.02 3.02
N GLN A 369 -13.91 -3.61 4.13
CA GLN A 369 -14.39 -4.99 4.40
C GLN A 369 -15.93 -5.00 4.37
N GLU A 370 -16.53 -4.18 5.24
CA GLU A 370 -17.96 -4.01 5.25
C GLU A 370 -18.28 -2.97 4.19
N MET A 371 -19.55 -2.88 3.82
CA MET A 371 -19.96 -1.81 2.93
C MET A 371 -20.55 -0.66 3.75
N PRO A 372 -19.90 0.50 3.75
CA PRO A 372 -20.46 1.65 4.44
C PRO A 372 -21.83 2.03 3.87
N ALA A 373 -22.68 2.65 4.68
CA ALA A 373 -24.06 2.87 4.28
C ALA A 373 -24.18 3.84 3.09
N GLN A 374 -23.31 4.84 3.06
CA GLN A 374 -23.30 5.76 1.94
C GLN A 374 -22.87 5.09 0.63
N LEU A 375 -22.02 4.07 0.74
CA LEU A 375 -21.60 3.34 -0.44
C LEU A 375 -22.75 2.42 -0.92
N ARG A 376 -23.43 1.77 0.02
CA ARG A 376 -24.62 0.95 -0.29
C ARG A 376 -25.68 1.80 -0.99
N LYS A 377 -25.80 3.04 -0.59
CA LYS A 377 -26.76 3.94 -1.20
C LYS A 377 -26.40 4.21 -2.67
N GLN A 378 -25.10 4.27 -2.98
CA GLN A 378 -24.64 4.42 -4.40
C GLN A 378 -24.93 3.16 -5.19
N GLN A 379 -24.67 2.02 -4.58
CA GLN A 379 -25.07 0.72 -5.16
C GLN A 379 -26.57 0.68 -5.47
N GLU A 380 -27.40 1.10 -4.52
CA GLU A 380 -28.85 1.21 -4.77
C GLU A 380 -29.20 2.14 -5.93
N SER A 381 -28.47 3.24 -6.03
CA SER A 381 -28.69 4.19 -7.07
C SER A 381 -28.41 3.54 -8.43
N LEU A 382 -27.28 2.83 -8.54
CA LEU A 382 -26.96 2.10 -9.77
C LEU A 382 -28.07 1.12 -10.15
N ALA A 383 -28.57 0.36 -9.15
CA ALA A 383 -29.62 -0.61 -9.36
C ALA A 383 -30.86 0.05 -9.92
N ARG A 384 -31.31 1.14 -9.31
CA ARG A 384 -32.48 1.86 -9.83
C ARG A 384 -32.23 2.44 -11.21
N HIS A 385 -31.03 2.96 -11.45
CA HIS A 385 -30.63 3.50 -12.75
C HIS A 385 -30.74 2.46 -13.86
N LEU A 386 -30.25 1.25 -13.57
CA LEU A 386 -30.25 0.21 -14.58
C LEU A 386 -31.67 -0.31 -14.84
N GLN A 387 -32.53 -0.30 -13.83
CA GLN A 387 -33.94 -0.60 -14.02
C GLN A 387 -34.58 0.30 -15.10
N THR A 388 -34.22 1.59 -15.10
CA THR A 388 -34.88 2.53 -16.00
C THR A 388 -34.16 2.63 -17.33
N TYR A 389 -32.82 2.60 -17.30
CA TYR A 389 -31.98 2.94 -18.45
C TYR A 389 -31.19 1.76 -18.99
N GLY A 390 -31.46 0.55 -18.47
CA GLY A 390 -30.61 -0.62 -18.68
C GLY A 390 -30.36 -1.04 -20.14
N GLU A 391 -31.31 -0.71 -21.02
CA GLU A 391 -31.14 -0.96 -22.46
C GLU A 391 -29.90 -0.26 -23.01
N HIS A 392 -29.39 0.76 -22.32
CA HIS A 392 -28.24 1.48 -22.86
C HIS A 392 -26.92 0.91 -22.35
N TYR A 393 -26.99 -0.18 -21.58
CA TYR A 393 -25.81 -0.74 -20.93
C TYR A 393 -25.60 -2.17 -21.43
N PRO A 394 -24.37 -2.67 -21.44
CA PRO A 394 -24.11 -4.04 -21.93
C PRO A 394 -24.53 -5.13 -20.94
N LEU A 395 -25.77 -5.08 -20.45
CA LEU A 395 -26.24 -5.95 -19.39
C LEU A 395 -26.20 -7.47 -19.69
N ASP A 396 -26.29 -7.82 -20.96
CA ASP A 396 -26.50 -9.22 -21.34
C ASP A 396 -25.21 -10.05 -21.27
N HIS A 397 -24.10 -9.38 -20.99
CA HIS A 397 -22.77 -9.96 -20.89
C HIS A 397 -22.38 -10.19 -19.43
N PHE A 398 -23.14 -9.55 -18.56
CA PHE A 398 -22.82 -9.48 -17.14
C PHE A 398 -23.75 -10.37 -16.37
N ASP A 399 -23.21 -11.01 -15.35
CA ASP A 399 -23.95 -11.97 -14.54
C ASP A 399 -25.12 -11.32 -13.82
N LYS A 400 -26.16 -12.14 -13.64
CA LYS A 400 -27.42 -11.84 -12.95
C LYS A 400 -28.16 -10.69 -13.61
N ALA B 2 -3.77 31.40 24.87
CA ALA B 2 -4.22 30.15 24.18
C ALA B 2 -5.62 30.23 23.58
N HIS B 3 -5.75 29.78 22.33
CA HIS B 3 -6.96 29.95 21.55
C HIS B 3 -8.11 28.99 21.93
N PHE B 4 -7.90 28.09 22.88
CA PHE B 4 -8.94 27.13 23.25
C PHE B 4 -8.87 26.87 24.76
N THR B 5 -9.96 26.35 25.32
CA THR B 5 -9.96 25.82 26.69
C THR B 5 -10.57 24.41 26.70
N PHE B 6 -9.75 23.43 27.10
CA PHE B 6 -10.25 22.09 27.31
C PHE B 6 -11.14 22.04 28.57
N GLN B 7 -12.36 21.52 28.41
CA GLN B 7 -13.34 21.53 29.48
C GLN B 7 -14.19 20.26 29.44
N GLU B 14 -19.63 2.67 34.52
CA GLU B 14 -19.65 2.89 33.08
C GLU B 14 -18.49 2.16 32.40
N TYR B 15 -17.26 2.38 32.86
CA TYR B 15 -16.09 1.73 32.23
C TYR B 15 -14.99 1.22 33.16
N GLY B 16 -15.30 1.09 34.44
CA GLY B 16 -14.33 0.58 35.41
C GLY B 16 -13.36 1.68 35.82
N GLN B 17 -12.29 1.29 36.49
CA GLN B 17 -11.33 2.22 37.03
C GLN B 17 -10.75 3.18 35.96
N THR B 18 -10.66 4.46 36.34
CA THR B 18 -10.08 5.46 35.49
C THR B 18 -8.95 6.17 36.21
N GLN B 19 -8.10 6.79 35.42
CA GLN B 19 -7.06 7.68 35.93
C GLN B 19 -7.03 8.94 35.06
N LYS B 20 -6.65 10.06 35.69
CA LYS B 20 -6.41 11.28 34.96
C LYS B 20 -5.30 11.02 33.94
N MET B 21 -5.59 11.31 32.69
CA MET B 21 -4.59 11.15 31.64
C MET B 21 -4.67 12.39 30.74
N ASN B 22 -3.51 12.87 30.27
CA ASN B 22 -3.45 13.88 29.20
C ASN B 22 -3.57 13.12 27.86
N LEU B 23 -3.57 13.82 26.74
CA LEU B 23 -3.77 13.10 25.47
C LEU B 23 -2.62 12.14 25.14
N PHE B 24 -1.36 12.54 25.37
CA PHE B 24 -0.30 11.58 25.02
C PHE B 24 -0.38 10.30 25.88
N GLN B 25 -0.75 10.45 27.16
CA GLN B 25 -0.86 9.31 28.06
C GLN B 25 -1.93 8.37 27.63
N SER B 26 -3.06 8.92 27.18
CA SER B 26 -4.18 8.09 26.74
C SER B 26 -3.82 7.35 25.46
N VAL B 27 -2.95 7.93 24.62
CA VAL B 27 -2.45 7.23 23.41
C VAL B 27 -1.59 6.05 23.89
N THR B 28 -0.74 6.30 24.88
CA THR B 28 0.12 5.23 25.40
C THR B 28 -0.70 4.11 26.00
N SER B 29 -1.78 4.45 26.72
CA SER B 29 -2.62 3.47 27.33
C SER B 29 -3.30 2.60 26.24
N ALA B 30 -3.76 3.25 25.17
CA ALA B 30 -4.38 2.56 24.07
C ALA B 30 -3.39 1.57 23.44
N LEU B 31 -2.18 2.04 23.19
CA LEU B 31 -1.13 1.24 22.58
C LEU B 31 -0.76 0.04 23.52
N ASP B 32 -0.60 0.32 24.81
CA ASP B 32 -0.33 -0.66 25.83
C ASP B 32 -1.39 -1.75 25.81
N ASN B 33 -2.66 -1.35 25.92
CA ASN B 33 -3.77 -2.34 25.93
C ASN B 33 -3.72 -3.23 24.68
N SER B 34 -3.44 -2.59 23.54
CA SER B 34 -3.33 -3.26 22.22
C SER B 34 -2.21 -4.26 22.20
N LEU B 35 -0.99 -3.85 22.57
CA LEU B 35 0.10 -4.81 22.57
C LEU B 35 -0.12 -5.96 23.57
N ALA B 36 -0.78 -5.70 24.70
CA ALA B 36 -0.98 -6.76 25.70
C ALA B 36 -1.94 -7.84 25.20
N LYS B 37 -2.92 -7.46 24.40
CA LYS B 37 -3.95 -8.39 24.02
C LYS B 37 -3.80 -8.99 22.61
N ASP B 38 -2.91 -8.40 21.85
CA ASP B 38 -2.68 -8.84 20.51
C ASP B 38 -1.17 -9.09 20.31
N PRO B 39 -0.74 -10.34 20.47
CA PRO B 39 0.66 -10.74 20.37
C PRO B 39 1.31 -10.38 19.03
N THR B 40 0.51 -10.18 17.97
CA THR B 40 1.10 -9.88 16.67
C THR B 40 1.45 -8.39 16.54
N ALA B 41 0.91 -7.57 17.42
CA ALA B 41 0.95 -6.10 17.23
C ALA B 41 2.38 -5.53 17.42
N VAL B 42 2.78 -4.62 16.53
CA VAL B 42 4.07 -3.92 16.60
C VAL B 42 3.84 -2.45 16.31
N ILE B 43 4.71 -1.63 16.89
CA ILE B 43 4.72 -0.17 16.75
C ILE B 43 6.05 0.26 16.24
N PHE B 44 6.03 1.10 15.24
CA PHE B 44 7.29 1.51 14.62
C PHE B 44 7.18 2.83 13.90
N GLY B 45 8.33 3.50 13.74
CA GLY B 45 8.48 4.70 12.95
C GLY B 45 9.72 5.41 13.47
N GLU B 46 9.85 6.71 13.17
CA GLU B 46 11.01 7.52 13.59
C GLU B 46 10.99 7.87 15.08
N ASP B 47 12.04 7.43 15.78
CA ASP B 47 12.24 7.85 17.17
C ASP B 47 11.20 7.32 18.12
N VAL B 48 10.54 6.19 17.78
CA VAL B 48 9.54 5.67 18.69
C VAL B 48 10.15 4.86 19.85
N ALA B 49 11.34 4.31 19.62
CA ALA B 49 11.98 3.43 20.61
C ALA B 49 12.18 4.10 21.98
N PHE B 50 12.73 5.30 22.00
CA PHE B 50 12.98 5.97 23.28
C PHE B 50 11.71 6.59 23.88
N GLY B 51 10.58 6.45 23.22
CA GLY B 51 9.31 6.97 23.79
C GLY B 51 8.65 8.00 22.90
N GLY B 52 9.34 8.38 21.82
CA GLY B 52 8.78 9.27 20.76
C GLY B 52 8.92 10.73 21.09
N VAL B 53 8.77 11.60 20.10
CA VAL B 53 9.19 13.01 20.30
C VAL B 53 8.07 13.73 21.06
N PHE B 54 6.89 13.11 21.10
CA PHE B 54 5.77 13.61 21.92
C PHE B 54 5.46 12.68 23.07
N ARG B 55 6.37 11.74 23.36
CA ARG B 55 6.26 10.88 24.54
C ARG B 55 5.15 9.81 24.44
N CYS B 56 4.53 9.65 23.26
CA CYS B 56 3.40 8.73 23.14
C CYS B 56 3.77 7.27 23.26
N THR B 57 5.05 6.92 23.13
CA THR B 57 5.41 5.47 23.29
C THR B 57 6.35 5.15 24.46
N VAL B 58 6.37 6.02 25.47
CA VAL B 58 7.21 5.84 26.64
C VAL B 58 6.94 4.54 27.34
N GLY B 59 8.00 3.76 27.56
CA GLY B 59 7.91 2.52 28.36
C GLY B 59 7.41 1.28 27.62
N LEU B 60 6.92 1.44 26.40
CA LEU B 60 6.40 0.29 25.66
C LEU B 60 7.49 -0.69 25.18
N ARG B 61 8.65 -0.16 24.68
CA ARG B 61 9.76 -1.04 24.27
C ARG B 61 10.29 -1.81 25.45
N ASP B 62 10.46 -1.14 26.59
CA ASP B 62 10.81 -1.89 27.82
C ASP B 62 9.80 -2.97 28.17
N LYS B 63 8.51 -2.65 28.09
CA LYS B 63 7.45 -3.61 28.41
C LYS B 63 7.33 -4.76 27.41
N TYR B 64 7.35 -4.45 26.11
CA TYR B 64 6.99 -5.42 25.07
C TYR B 64 8.16 -5.99 24.23
N GLY B 65 9.30 -5.33 24.30
CA GLY B 65 10.48 -5.81 23.59
C GLY B 65 10.87 -5.01 22.39
N LYS B 66 12.16 -5.04 22.11
CA LYS B 66 12.68 -4.31 20.98
C LYS B 66 12.20 -4.85 19.65
N ASP B 67 11.72 -6.11 19.58
CA ASP B 67 11.15 -6.55 18.29
C ASP B 67 9.74 -6.04 17.99
N ARG B 68 9.08 -5.44 18.96
CA ARG B 68 7.67 -4.99 18.82
C ARG B 68 7.52 -3.49 18.89
N VAL B 69 8.53 -2.79 19.41
CA VAL B 69 8.48 -1.31 19.48
C VAL B 69 9.83 -0.83 19.01
N PHE B 70 9.91 -0.32 17.78
CA PHE B 70 11.25 -0.09 17.17
C PHE B 70 11.35 1.08 16.22
N ASN B 71 12.58 1.58 16.04
CA ASN B 71 12.85 2.68 15.15
C ASN B 71 13.05 2.12 13.73
N THR B 72 12.55 2.86 12.78
CA THR B 72 12.87 2.67 11.37
C THR B 72 13.90 3.70 10.90
N PRO B 73 14.51 3.48 9.74
CA PRO B 73 15.15 4.61 9.04
C PRO B 73 14.17 5.73 8.72
N LEU B 74 14.72 6.90 8.43
CA LEU B 74 14.01 8.15 8.23
C LEU B 74 13.50 8.20 6.79
N CYS B 75 12.38 7.52 6.58
CA CYS B 75 11.80 7.32 5.25
C CYS B 75 10.30 7.03 5.33
N GLU B 76 9.45 8.04 5.13
CA GLU B 76 8.00 7.84 5.40
C GLU B 76 7.37 6.91 4.35
N GLN B 77 7.86 6.93 3.11
CA GLN B 77 7.26 6.00 2.16
C GLN B 77 7.61 4.58 2.57
N GLY B 78 8.81 4.40 3.15
CA GLY B 78 9.21 3.09 3.64
C GLY B 78 8.39 2.68 4.84
N ILE B 79 8.15 3.62 5.76
CA ILE B 79 7.35 3.29 6.94
C ILE B 79 5.97 2.78 6.58
N VAL B 80 5.27 3.49 5.70
CA VAL B 80 3.93 3.05 5.31
C VAL B 80 3.97 1.75 4.45
N GLY B 81 4.89 1.66 3.48
CA GLY B 81 5.03 0.40 2.68
C GLY B 81 5.26 -0.81 3.59
N PHE B 82 6.20 -0.64 4.52
CA PHE B 82 6.51 -1.64 5.57
C PHE B 82 5.29 -1.99 6.40
N GLY B 83 4.59 -1.01 6.96
CA GLY B 83 3.33 -1.32 7.63
C GLY B 83 2.29 -2.08 6.80
N ILE B 84 2.16 -1.72 5.51
CA ILE B 84 1.23 -2.49 4.65
C ILE B 84 1.66 -3.98 4.61
N GLY B 85 2.95 -4.23 4.35
CA GLY B 85 3.51 -5.57 4.27
C GLY B 85 3.27 -6.35 5.54
N ILE B 86 3.49 -5.74 6.69
CA ILE B 86 3.21 -6.45 7.93
C ILE B 86 1.72 -6.87 8.00
N ALA B 87 0.84 -5.94 7.64
CA ALA B 87 -0.60 -6.16 7.73
C ALA B 87 -1.12 -7.16 6.71
N VAL B 88 -0.51 -7.24 5.53
CA VAL B 88 -0.80 -8.32 4.57
C VAL B 88 -0.69 -9.71 5.21
N THR B 89 0.27 -9.90 6.11
CA THR B 89 0.41 -11.21 6.77
C THR B 89 -0.65 -11.42 7.86
N GLY B 90 -1.40 -10.39 8.17
CA GLY B 90 -2.42 -10.49 9.21
C GLY B 90 -1.99 -9.93 10.55
N ALA B 91 -0.71 -9.52 10.68
CA ALA B 91 -0.23 -8.93 11.93
C ALA B 91 -0.64 -7.46 12.02
N THR B 92 -0.82 -6.97 13.24
CA THR B 92 -1.25 -5.60 13.50
C THR B 92 -0.05 -4.69 13.43
N ALA B 93 -0.14 -3.68 12.58
CA ALA B 93 0.99 -2.82 12.31
C ALA B 93 0.56 -1.44 12.73
N ILE B 94 1.23 -0.92 13.76
CA ILE B 94 0.89 0.46 14.14
C ILE B 94 2.05 1.39 13.75
N ALA B 95 1.90 2.09 12.62
CA ALA B 95 3.00 2.89 12.12
C ALA B 95 2.80 4.28 12.65
N GLU B 96 3.88 4.95 12.98
CA GLU B 96 3.81 6.36 13.36
C GLU B 96 4.45 7.23 12.29
N ILE B 97 3.79 8.33 11.97
CA ILE B 97 4.37 9.35 11.10
C ILE B 97 4.62 10.58 11.98
N GLN B 98 5.83 11.11 11.97
CA GLN B 98 6.25 12.00 13.06
C GLN B 98 5.42 13.31 13.25
N PHE B 99 5.00 13.91 12.12
CA PHE B 99 4.10 15.08 12.04
C PHE B 99 3.21 14.78 10.83
N ALA B 100 1.93 15.18 10.87
CA ALA B 100 1.03 14.95 9.69
C ALA B 100 1.58 15.62 8.43
N ASP B 101 2.42 16.65 8.60
CA ASP B 101 2.96 17.42 7.52
C ASP B 101 3.91 16.56 6.70
N TYR B 102 4.40 15.44 7.31
CA TYR B 102 5.39 14.61 6.67
C TYR B 102 4.77 13.33 6.22
N ILE B 103 3.44 13.29 6.12
CA ILE B 103 2.78 12.08 5.61
C ILE B 103 2.84 12.03 4.09
N PHE B 104 3.08 13.18 3.42
CA PHE B 104 3.01 13.26 1.97
C PHE B 104 3.96 12.31 1.18
N PRO B 105 5.21 12.10 1.65
CA PRO B 105 6.07 11.14 0.94
C PRO B 105 5.41 9.77 0.89
N ALA B 106 4.49 9.48 1.82
CA ALA B 106 3.80 8.19 1.85
C ALA B 106 2.47 8.24 1.11
N PHE B 107 2.14 9.37 0.43
CA PHE B 107 0.79 9.51 -0.09
C PHE B 107 0.48 8.38 -1.08
N ASP B 108 1.43 8.07 -1.96
CA ASP B 108 1.22 7.01 -2.96
C ASP B 108 0.98 5.65 -2.27
N GLN B 109 1.79 5.31 -1.27
CA GLN B 109 1.53 4.06 -0.53
C GLN B 109 0.17 4.06 0.11
N ILE B 110 -0.29 5.25 0.57
CA ILE B 110 -1.61 5.23 1.31
C ILE B 110 -2.76 5.14 0.25
N VAL B 111 -2.72 6.05 -0.73
CA VAL B 111 -3.79 6.20 -1.67
C VAL B 111 -3.81 5.12 -2.76
N ASN B 112 -2.66 4.82 -3.36
CA ASN B 112 -2.69 3.81 -4.43
C ASN B 112 -2.63 2.42 -3.91
N GLU B 113 -2.06 2.28 -2.72
CA GLU B 113 -1.82 0.95 -2.21
C GLU B 113 -2.73 0.60 -1.02
N ALA B 114 -2.51 1.20 0.14
CA ALA B 114 -3.28 0.68 1.26
C ALA B 114 -4.84 0.79 1.01
N ALA B 115 -5.31 1.91 0.44
CA ALA B 115 -6.76 2.18 0.26
C ALA B 115 -7.35 1.14 -0.70
N LYS B 116 -6.53 0.67 -1.66
CA LYS B 116 -7.03 -0.16 -2.76
C LYS B 116 -6.75 -1.68 -2.61
N TYR B 117 -6.01 -2.06 -1.57
CA TYR B 117 -5.44 -3.40 -1.43
C TYR B 117 -6.52 -4.50 -1.39
N ARG B 118 -7.60 -4.24 -0.68
CA ARG B 118 -8.68 -5.27 -0.54
C ARG B 118 -9.49 -5.33 -1.86
N TYR B 119 -9.85 -4.15 -2.34
CA TYR B 119 -10.70 -4.07 -3.51
C TYR B 119 -10.04 -4.76 -4.71
N ARG B 120 -8.82 -4.31 -5.02
CA ARG B 120 -8.16 -4.76 -6.25
C ARG B 120 -7.79 -6.23 -6.27
N SER B 121 -7.77 -6.89 -5.09
CA SER B 121 -7.43 -8.29 -5.02
C SER B 121 -8.64 -9.19 -4.91
N GLY B 122 -9.84 -8.59 -4.94
CA GLY B 122 -11.08 -9.37 -4.75
C GLY B 122 -11.18 -9.90 -3.33
N ASP B 123 -10.53 -9.21 -2.38
CA ASP B 123 -10.43 -9.67 -1.00
C ASP B 123 -9.58 -10.91 -0.82
N LEU B 124 -8.68 -11.21 -1.77
CA LEU B 124 -7.73 -12.29 -1.53
C LEU B 124 -6.67 -11.81 -0.54
N PHE B 125 -6.36 -10.51 -0.58
CA PHE B 125 -5.36 -9.89 0.31
C PHE B 125 -5.91 -8.57 0.86
N ASN B 126 -5.39 -8.14 2.00
CA ASN B 126 -5.81 -6.91 2.59
C ASN B 126 -4.74 -6.37 3.52
N CYS B 127 -4.89 -5.11 3.90
CA CYS B 127 -4.04 -4.59 4.95
C CYS B 127 -4.90 -3.98 6.01
N GLY B 128 -5.98 -4.68 6.35
CA GLY B 128 -6.92 -4.10 7.29
C GLY B 128 -6.28 -3.83 8.66
N SER B 129 -5.22 -4.54 9.00
CA SER B 129 -4.61 -4.42 10.32
C SER B 129 -3.55 -3.34 10.47
N LEU B 130 -3.45 -2.49 9.46
CA LEU B 130 -2.64 -1.28 9.53
C LEU B 130 -3.42 -0.07 10.14
N THR B 131 -2.73 0.61 11.05
CA THR B 131 -3.13 1.91 11.57
C THR B 131 -1.89 2.81 11.46
N ILE B 132 -2.10 4.04 11.00
CA ILE B 132 -1.04 5.03 10.89
C ILE B 132 -1.48 6.12 11.88
N ARG B 133 -0.66 6.40 12.90
CA ARG B 133 -0.96 7.48 13.86
C ARG B 133 -0.02 8.65 13.52
N SER B 134 -0.49 9.88 13.69
CA SER B 134 0.32 11.10 13.35
C SER B 134 -0.17 12.35 14.09
N PRO B 135 0.72 13.04 14.80
CA PRO B 135 0.38 14.32 15.37
C PRO B 135 -0.15 15.25 14.25
N TRP B 136 -1.08 16.13 14.60
CA TRP B 136 -1.84 16.88 13.61
C TRP B 136 -2.19 18.23 14.20
N GLY B 137 -2.43 19.19 13.32
CA GLY B 137 -3.02 20.48 13.71
C GLY B 137 -2.06 21.50 14.29
N CYS B 138 -2.57 22.69 14.52
CA CYS B 138 -1.71 23.82 14.84
C CYS B 138 -1.16 23.64 16.27
N VAL B 139 -0.11 24.38 16.58
CA VAL B 139 0.56 24.25 17.83
C VAL B 139 1.06 25.58 18.36
N GLY B 140 0.67 26.70 17.71
CA GLY B 140 1.06 28.04 18.17
C GLY B 140 2.24 28.61 17.41
N HIS B 141 3.18 27.76 17.00
CA HIS B 141 4.42 28.20 16.43
C HIS B 141 5.01 27.20 15.43
N GLY B 142 4.25 26.18 15.05
CA GLY B 142 4.74 25.13 14.14
C GLY B 142 4.97 25.57 12.69
N ALA B 143 4.40 26.71 12.30
CA ALA B 143 4.58 27.26 10.93
C ALA B 143 4.19 26.28 9.84
N LEU B 144 4.88 26.33 8.68
CA LEU B 144 4.37 25.59 7.50
C LEU B 144 4.36 24.07 7.63
N TYR B 145 5.27 23.51 8.45
CA TYR B 145 5.50 22.02 8.40
C TYR B 145 5.40 21.28 9.71
N HIS B 146 5.00 22.00 10.76
N HIS B 146 4.93 21.96 10.74
CA HIS B 146 4.63 21.37 12.04
CA HIS B 146 4.60 21.28 12.00
C HIS B 146 3.24 21.83 12.52
C HIS B 146 3.18 21.60 12.46
N SER B 147 2.38 22.17 11.56
CA SER B 147 1.01 22.64 11.89
C SER B 147 -0.14 22.01 11.06
N GLN B 148 0.16 21.27 9.99
CA GLN B 148 -0.86 21.02 8.93
C GLN B 148 -1.96 20.09 9.37
N SER B 149 -3.16 20.24 8.76
CA SER B 149 -4.31 19.34 8.94
C SER B 149 -4.66 18.70 7.59
N PRO B 150 -4.05 17.56 7.22
CA PRO B 150 -4.22 17.00 5.87
C PRO B 150 -5.47 16.15 5.63
N GLU B 151 -6.44 16.21 6.52
CA GLU B 151 -7.52 15.18 6.46
C GLU B 151 -8.29 15.29 5.14
N ALA B 152 -8.41 16.48 4.55
CA ALA B 152 -9.26 16.58 3.34
C ALA B 152 -8.61 15.89 2.13
N PHE B 153 -7.27 15.80 2.15
CA PHE B 153 -6.55 15.12 1.07
C PHE B 153 -6.94 13.67 1.12
N PHE B 154 -6.98 13.12 2.34
CA PHE B 154 -7.32 11.71 2.48
C PHE B 154 -8.80 11.43 2.31
N ALA B 155 -9.66 12.42 2.54
CA ALA B 155 -11.13 12.16 2.42
C ALA B 155 -11.55 11.77 1.01
N HIS B 156 -10.72 12.05 0.01
CA HIS B 156 -11.11 11.77 -1.40
C HIS B 156 -10.58 10.39 -1.81
N CYS B 157 -10.22 9.59 -0.83
CA CYS B 157 -9.66 8.30 -1.09
C CYS B 157 -10.51 7.15 -0.54
N PRO B 158 -11.43 6.59 -1.34
CA PRO B 158 -12.20 5.38 -0.91
C PRO B 158 -11.26 4.26 -0.48
N GLY B 159 -11.57 3.63 0.66
CA GLY B 159 -10.71 2.52 1.09
C GLY B 159 -9.96 2.75 2.41
N ILE B 160 -9.83 4.02 2.84
CA ILE B 160 -9.22 4.28 4.14
C ILE B 160 -10.21 4.97 5.05
N LYS B 161 -9.87 4.95 6.32
CA LYS B 161 -10.74 5.56 7.32
C LYS B 161 -9.82 6.63 7.94
N VAL B 162 -10.39 7.79 8.25
CA VAL B 162 -9.64 8.86 8.85
C VAL B 162 -10.39 9.36 10.08
N VAL B 163 -9.67 9.47 11.19
CA VAL B 163 -10.29 9.59 12.55
C VAL B 163 -9.44 10.57 13.34
N ILE B 164 -10.14 11.48 14.03
CA ILE B 164 -9.54 12.58 14.78
C ILE B 164 -10.31 12.72 16.11
N PRO B 165 -9.63 12.53 17.26
CA PRO B 165 -10.29 12.71 18.56
C PRO B 165 -10.15 14.15 19.11
N ARG B 166 -10.98 14.49 20.09
CA ARG B 166 -10.97 15.83 20.62
C ARG B 166 -10.45 15.88 22.03
N SER B 167 -10.16 14.71 22.62
CA SER B 167 -9.83 14.64 24.06
C SER B 167 -9.14 13.31 24.40
N PRO B 168 -8.59 13.18 25.62
CA PRO B 168 -7.94 11.91 26.05
C PRO B 168 -8.93 10.72 26.11
N PHE B 169 -10.10 10.89 26.69
CA PHE B 169 -11.06 9.78 26.70
C PHE B 169 -11.45 9.36 25.29
N GLN B 170 -11.73 10.35 24.45
CA GLN B 170 -12.06 10.08 23.05
C GLN B 170 -10.91 9.42 22.30
N ALA B 171 -9.70 9.93 22.48
CA ALA B 171 -8.54 9.40 21.82
C ALA B 171 -8.28 7.94 22.09
N LYS B 172 -8.35 7.49 23.36
CA LYS B 172 -8.06 6.10 23.66
C LYS B 172 -9.13 5.18 23.03
N GLY B 173 -10.41 5.50 23.22
CA GLY B 173 -11.53 4.75 22.61
C GLY B 173 -11.54 4.74 21.10
N LEU B 174 -11.23 5.87 20.46
CA LEU B 174 -11.16 5.90 18.99
C LEU B 174 -9.92 5.20 18.45
N LEU B 175 -8.76 5.33 19.14
CA LEU B 175 -7.55 4.65 18.65
C LEU B 175 -7.70 3.13 18.75
N LEU B 176 -8.21 2.68 19.87
CA LEU B 176 -8.54 1.23 20.00
C LEU B 176 -9.48 0.80 18.88
N SER B 177 -10.52 1.57 18.60
CA SER B 177 -11.30 1.28 17.39
C SER B 177 -10.55 1.22 16.08
N CYS B 178 -9.67 2.19 15.79
CA CYS B 178 -8.89 2.12 14.58
C CYS B 178 -8.01 0.88 14.53
N ILE B 179 -7.34 0.58 15.65
CA ILE B 179 -6.36 -0.51 15.66
C ILE B 179 -7.07 -1.81 15.34
N GLU B 180 -8.29 -1.96 15.89
CA GLU B 180 -9.08 -3.18 15.75
C GLU B 180 -9.93 -3.27 14.47
N ASP B 181 -10.18 -2.14 13.83
CA ASP B 181 -11.00 -2.06 12.60
C ASP B 181 -10.32 -2.85 11.50
N LYS B 182 -11.10 -3.50 10.65
CA LYS B 182 -10.59 -4.39 9.60
C LYS B 182 -10.22 -3.61 8.29
N ASN B 183 -9.95 -2.31 8.43
CA ASN B 183 -9.64 -1.46 7.29
C ASN B 183 -8.44 -0.59 7.68
N PRO B 184 -7.60 -0.20 6.71
CA PRO B 184 -6.49 0.70 7.04
C PRO B 184 -7.03 2.06 7.52
N CYS B 185 -6.53 2.53 8.66
CA CYS B 185 -7.01 3.75 9.35
C CYS B 185 -5.84 4.71 9.56
N ILE B 186 -6.12 5.99 9.40
CA ILE B 186 -5.19 7.07 9.76
C ILE B 186 -5.86 7.74 10.97
N PHE B 187 -5.11 7.81 12.06
CA PHE B 187 -5.54 8.41 13.32
C PHE B 187 -4.71 9.66 13.53
N PHE B 188 -5.37 10.82 13.46
CA PHE B 188 -4.66 12.09 13.63
C PHE B 188 -4.80 12.61 15.05
N GLU B 189 -3.69 12.87 15.75
CA GLU B 189 -3.76 13.24 17.18
C GLU B 189 -3.47 14.74 17.29
N PRO B 190 -4.42 15.56 17.74
CA PRO B 190 -4.17 17.01 17.82
C PRO B 190 -3.05 17.33 18.78
N LYS B 191 -1.89 17.72 18.24
CA LYS B 191 -0.71 17.77 19.09
C LYS B 191 -0.77 18.87 20.17
N ILE B 192 -1.54 19.93 19.96
N ILE B 192 -1.57 19.90 19.94
CA ILE B 192 -1.62 20.96 21.00
CA ILE B 192 -1.71 20.99 20.92
C ILE B 192 -2.25 20.41 22.28
C ILE B 192 -2.43 20.52 22.19
N LEU B 193 -3.04 19.35 22.14
CA LEU B 193 -3.77 18.73 23.28
C LEU B 193 -2.91 17.74 24.02
N TYR B 194 -1.72 17.40 23.48
CA TYR B 194 -0.90 16.30 24.02
C TYR B 194 -0.70 16.45 25.54
N ARG B 195 -0.34 17.65 25.94
CA ARG B 195 -0.18 17.96 27.34
C ARG B 195 -1.13 19.04 27.86
N ALA B 196 -2.20 19.35 27.14
CA ALA B 196 -3.17 20.37 27.57
C ALA B 196 -4.40 19.71 28.19
N ALA B 197 -4.70 20.09 29.43
CA ALA B 197 -5.64 19.37 30.37
C ALA B 197 -5.92 17.84 30.25
N ALA B 198 -5.87 17.20 31.43
CA ALA B 198 -6.14 15.80 31.55
C ALA B 198 -7.64 15.55 31.77
N GLU B 199 -8.07 14.32 31.57
CA GLU B 199 -9.35 13.90 32.11
C GLU B 199 -9.27 12.44 32.50
N GLU B 200 -10.31 11.96 33.18
CA GLU B 200 -10.41 10.59 33.55
C GLU B 200 -10.46 9.68 32.33
N VAL B 201 -9.59 8.68 32.31
CA VAL B 201 -9.57 7.75 31.19
C VAL B 201 -9.56 6.36 31.78
N PRO B 202 -10.45 5.48 31.33
CA PRO B 202 -10.44 4.09 31.79
C PRO B 202 -9.09 3.41 31.54
N ILE B 203 -8.65 2.69 32.57
CA ILE B 203 -7.39 1.96 32.58
C ILE B 203 -7.51 0.82 31.59
N GLU B 204 -8.68 0.20 31.54
CA GLU B 204 -8.90 -0.98 30.71
C GLU B 204 -9.35 -0.57 29.34
N PRO B 205 -9.16 -1.43 28.35
CA PRO B 205 -9.55 -1.09 26.98
C PRO B 205 -11.10 -1.01 26.79
N TYR B 206 -11.52 -0.08 25.92
CA TYR B 206 -12.92 0.14 25.52
C TYR B 206 -12.89 0.77 24.13
N ASN B 207 -14.05 0.79 23.46
CA ASN B 207 -14.08 1.26 22.05
C ASN B 207 -15.05 2.39 21.88
N ILE B 208 -14.72 3.36 21.04
CA ILE B 208 -15.72 4.34 20.58
C ILE B 208 -15.96 4.00 19.10
N PRO B 209 -17.22 3.98 18.62
CA PRO B 209 -17.49 3.63 17.21
C PRO B 209 -16.96 4.66 16.22
N LEU B 210 -16.41 4.11 15.12
CA LEU B 210 -15.98 4.87 13.97
C LEU B 210 -17.22 5.21 13.21
N SER B 211 -17.14 6.25 12.38
CA SER B 211 -18.24 6.75 11.52
C SER B 211 -19.45 7.25 12.30
N GLN B 212 -19.23 7.76 13.50
CA GLN B 212 -20.36 8.23 14.34
C GLN B 212 -19.95 9.53 14.97
N ALA B 213 -20.64 10.61 14.64
CA ALA B 213 -20.49 11.89 15.26
C ALA B 213 -20.97 11.88 16.69
N GLU B 214 -20.57 12.84 17.49
CA GLU B 214 -21.10 12.92 18.83
C GLU B 214 -21.71 14.29 19.04
N VAL B 215 -22.99 14.34 19.39
CA VAL B 215 -23.66 15.59 19.78
C VAL B 215 -23.24 15.86 21.24
N ILE B 216 -22.37 16.83 21.43
CA ILE B 216 -21.89 17.03 22.78
C ILE B 216 -22.72 18.03 23.56
N GLN B 217 -23.49 18.85 22.85
CA GLN B 217 -24.40 19.80 23.48
C GLN B 217 -25.62 19.95 22.60
N GLU B 218 -26.80 19.74 23.17
CA GLU B 218 -28.04 19.93 22.43
C GLU B 218 -28.47 21.38 22.28
N GLY B 219 -28.94 21.74 21.09
CA GLY B 219 -29.44 23.12 20.86
C GLY B 219 -30.52 23.15 19.80
N SER B 220 -31.21 24.28 19.68
CA SER B 220 -32.33 24.33 18.75
C SER B 220 -32.25 25.38 17.64
N ASP B 221 -31.23 26.24 17.64
CA ASP B 221 -31.19 27.36 16.69
C ASP B 221 -30.19 27.18 15.54
N VAL B 222 -29.11 26.48 15.84
CA VAL B 222 -28.04 26.34 14.88
C VAL B 222 -27.22 25.12 15.25
N THR B 223 -26.69 24.49 14.21
CA THR B 223 -25.81 23.35 14.36
C THR B 223 -24.36 23.77 14.07
N LEU B 224 -23.46 23.44 14.99
CA LEU B 224 -22.00 23.69 14.79
C LEU B 224 -21.25 22.37 14.70
N VAL B 225 -20.37 22.22 13.69
CA VAL B 225 -19.66 20.97 13.49
C VAL B 225 -18.19 21.28 13.36
N ALA B 226 -17.40 20.49 14.08
CA ALA B 226 -15.98 20.60 14.00
C ALA B 226 -15.43 19.28 14.43
N TRP B 227 -14.10 19.18 14.50
CA TRP B 227 -13.41 17.97 14.96
C TRP B 227 -12.04 18.38 15.51
N GLY B 228 -11.38 17.51 16.28
CA GLY B 228 -10.15 17.86 16.95
C GLY B 228 -10.31 19.05 17.93
N THR B 229 -9.23 19.82 18.05
CA THR B 229 -9.19 20.98 18.94
C THR B 229 -10.30 21.91 18.64
N GLN B 230 -10.69 22.02 17.36
CA GLN B 230 -11.72 22.96 16.97
C GLN B 230 -13.07 22.72 17.64
N VAL B 231 -13.30 21.50 18.10
CA VAL B 231 -14.51 21.24 18.89
C VAL B 231 -14.55 22.16 20.12
N HIS B 232 -13.41 22.35 20.75
CA HIS B 232 -13.36 23.16 21.96
C HIS B 232 -13.62 24.61 21.61
N VAL B 233 -13.19 24.98 20.40
CA VAL B 233 -13.44 26.32 19.93
C VAL B 233 -14.93 26.52 19.71
N ILE B 234 -15.60 25.59 19.03
CA ILE B 234 -17.05 25.76 18.85
C ILE B 234 -17.88 25.62 20.14
N ARG B 235 -17.39 24.84 21.09
CA ARG B 235 -18.08 24.75 22.38
C ARG B 235 -18.13 26.13 23.04
N GLU B 236 -17.02 26.85 22.99
CA GLU B 236 -16.95 28.20 23.52
C GLU B 236 -17.81 29.18 22.71
N VAL B 237 -17.84 29.00 21.39
CA VAL B 237 -18.70 29.80 20.53
C VAL B 237 -20.18 29.64 20.92
N ALA B 238 -20.60 28.39 21.20
CA ALA B 238 -21.94 28.09 21.69
C ALA B 238 -22.19 28.89 22.94
N SER B 239 -21.20 28.90 23.83
CA SER B 239 -21.34 29.62 25.07
C SER B 239 -21.47 31.12 24.82
N MET B 240 -20.64 31.66 23.92
CA MET B 240 -20.71 33.09 23.59
C MET B 240 -22.06 33.43 22.98
N ALA B 241 -22.54 32.56 22.08
CA ALA B 241 -23.81 32.76 21.43
C ALA B 241 -25.01 32.75 22.40
N LYS B 242 -24.99 31.84 23.38
CA LYS B 242 -26.10 31.79 24.34
C LYS B 242 -26.11 33.08 25.13
N GLU B 243 -24.94 33.45 25.60
CA GLU B 243 -24.77 34.58 26.46
C GLU B 243 -25.04 35.89 25.71
N LYS B 244 -24.38 36.08 24.57
CA LYS B 244 -24.44 37.38 23.89
C LYS B 244 -25.64 37.59 22.96
N LEU B 245 -26.27 36.50 22.51
CA LEU B 245 -27.31 36.57 21.50
C LEU B 245 -28.58 35.80 21.87
N GLY B 246 -28.55 35.03 22.95
CA GLY B 246 -29.69 34.17 23.29
C GLY B 246 -29.91 33.07 22.25
N VAL B 247 -28.84 32.65 21.58
CA VAL B 247 -28.89 31.58 20.58
C VAL B 247 -28.49 30.24 21.19
N SER B 248 -29.34 29.24 20.98
CA SER B 248 -29.13 27.88 21.44
C SER B 248 -28.40 27.05 20.35
N CYS B 249 -27.19 26.59 20.64
CA CYS B 249 -26.37 25.90 19.63
C CYS B 249 -26.29 24.43 19.90
N GLU B 250 -26.51 23.64 18.88
CA GLU B 250 -26.18 22.24 18.93
C GLU B 250 -24.73 22.01 18.48
N VAL B 251 -23.90 21.48 19.38
CA VAL B 251 -22.47 21.34 19.12
C VAL B 251 -22.18 19.88 18.81
N ILE B 252 -21.53 19.63 17.68
CA ILE B 252 -21.29 18.26 17.20
C ILE B 252 -19.82 18.05 16.90
N ASP B 253 -19.27 16.96 17.43
CA ASP B 253 -17.91 16.49 17.13
C ASP B 253 -18.03 15.43 16.08
N LEU B 254 -17.47 15.67 14.91
CA LEU B 254 -17.68 14.72 13.80
C LEU B 254 -16.90 13.44 14.04
N ARG B 255 -15.72 13.59 14.66
CA ARG B 255 -14.81 12.48 15.01
C ARG B 255 -14.25 11.67 13.82
N THR B 256 -15.12 11.07 12.98
CA THR B 256 -14.65 10.31 11.80
C THR B 256 -14.87 11.11 10.53
N ILE B 257 -13.76 11.40 9.82
CA ILE B 257 -13.77 12.19 8.58
C ILE B 257 -14.31 11.33 7.45
N ILE B 258 -13.74 10.16 7.23
CA ILE B 258 -14.41 9.19 6.38
C ILE B 258 -14.35 7.78 6.92
N PRO B 259 -15.40 6.98 6.69
CA PRO B 259 -16.73 7.44 6.26
C PRO B 259 -17.42 8.25 7.33
N TRP B 260 -18.05 9.36 6.94
CA TRP B 260 -18.58 10.22 7.99
C TRP B 260 -20.04 9.99 8.26
N ASP B 261 -20.47 10.50 9.42
CA ASP B 261 -21.81 10.25 9.94
C ASP B 261 -22.78 11.30 9.40
N VAL B 262 -23.14 11.10 8.12
CA VAL B 262 -24.08 11.98 7.43
C VAL B 262 -25.40 12.13 8.19
N ASP B 263 -25.93 11.03 8.74
CA ASP B 263 -27.27 11.04 9.36
C ASP B 263 -27.36 11.87 10.61
N THR B 264 -26.32 11.85 11.47
CA THR B 264 -26.36 12.65 12.72
C THR B 264 -26.36 14.13 12.37
N ILE B 265 -25.55 14.50 11.37
CA ILE B 265 -25.45 15.90 10.95
C ILE B 265 -26.76 16.41 10.32
N CYS B 266 -27.25 15.69 9.32
CA CYS B 266 -28.55 16.03 8.71
C CYS B 266 -29.71 16.05 9.67
N LYS B 267 -29.77 15.10 10.59
CA LYS B 267 -30.79 15.12 11.63
C LYS B 267 -30.77 16.41 12.47
N SER B 268 -29.57 16.83 12.86
CA SER B 268 -29.39 18.04 13.65
C SER B 268 -29.88 19.23 12.86
N VAL B 269 -29.38 19.33 11.63
CA VAL B 269 -29.72 20.47 10.77
C VAL B 269 -31.20 20.52 10.40
N ILE B 270 -31.82 19.36 10.25
CA ILE B 270 -33.27 19.30 10.04
C ILE B 270 -34.03 19.92 11.22
N LYS B 271 -33.49 19.76 12.43
CA LYS B 271 -34.08 20.41 13.60
C LYS B 271 -33.73 21.93 13.69
N THR B 272 -32.46 22.29 13.52
CA THR B 272 -32.09 23.70 13.68
C THR B 272 -32.32 24.61 12.46
N GLY B 273 -32.09 24.11 11.25
CA GLY B 273 -32.25 24.92 10.05
C GLY B 273 -31.02 25.73 9.65
N ARG B 274 -29.96 25.65 10.45
CA ARG B 274 -28.74 26.43 10.18
C ARG B 274 -27.54 25.59 10.56
N LEU B 275 -26.48 25.72 9.77
CA LEU B 275 -25.28 24.96 9.96
C LEU B 275 -24.04 25.81 9.76
N LEU B 276 -23.12 25.64 10.71
CA LEU B 276 -21.81 26.27 10.62
C LEU B 276 -20.77 25.19 10.82
N ILE B 277 -19.88 25.05 9.85
CA ILE B 277 -18.80 24.06 9.98
C ILE B 277 -17.50 24.80 10.09
N SER B 278 -16.64 24.33 10.97
CA SER B 278 -15.36 25.04 11.17
C SER B 278 -14.18 24.07 11.20
N HIS B 279 -13.09 24.40 10.49
CA HIS B 279 -11.86 23.60 10.61
C HIS B 279 -10.59 24.43 10.38
N GLU B 280 -9.47 24.02 10.98
CA GLU B 280 -8.23 24.77 10.85
C GLU B 280 -7.69 24.68 9.43
N ALA B 281 -7.97 23.58 8.74
CA ALA B 281 -7.49 23.42 7.36
C ALA B 281 -8.02 24.55 6.40
N PRO B 282 -7.26 24.91 5.33
CA PRO B 282 -7.73 25.87 4.36
C PRO B 282 -9.16 25.56 3.88
N LEU B 283 -9.90 26.64 3.66
CA LEU B 283 -11.21 26.60 3.07
C LEU B 283 -11.31 25.76 1.78
N THR B 284 -10.52 26.10 0.77
CA THR B 284 -10.79 25.57 -0.55
C THR B 284 -10.40 24.11 -0.54
N GLY B 285 -11.33 23.27 -0.96
CA GLY B 285 -11.09 21.79 -0.96
C GLY B 285 -11.12 21.18 0.42
N GLY B 286 -11.40 21.97 1.48
CA GLY B 286 -11.33 21.41 2.89
C GLY B 286 -12.55 20.53 3.11
N PHE B 287 -12.58 19.75 4.18
CA PHE B 287 -13.63 18.80 4.31
C PHE B 287 -15.00 19.46 4.61
N ALA B 288 -15.03 20.69 5.11
CA ALA B 288 -16.32 21.36 5.33
C ALA B 288 -17.11 21.47 4.02
N SER B 289 -16.40 21.52 2.88
N SER B 289 -16.39 21.50 2.89
CA SER B 289 -17.07 21.62 1.58
CA SER B 289 -17.05 21.64 1.61
C SER B 289 -17.90 20.38 1.33
C SER B 289 -17.86 20.39 1.27
N GLU B 290 -17.35 19.21 1.65
CA GLU B 290 -18.10 17.95 1.47
C GLU B 290 -19.30 17.89 2.38
N ILE B 291 -19.13 18.28 3.64
CA ILE B 291 -20.26 18.37 4.57
C ILE B 291 -21.30 19.34 4.08
N SER B 292 -20.87 20.54 3.75
CA SER B 292 -21.83 21.54 3.27
C SER B 292 -22.65 21.07 2.05
N SER B 293 -21.96 20.56 1.02
N SER B 293 -21.97 20.54 1.02
CA SER B 293 -22.62 20.11 -0.20
CA SER B 293 -22.64 20.11 -0.22
C SER B 293 -23.70 19.07 0.09
C SER B 293 -23.64 18.99 -0.01
N THR B 294 -23.34 18.10 0.92
CA THR B 294 -24.20 16.97 1.26
C THR B 294 -25.42 17.37 2.07
N VAL B 295 -25.21 18.26 3.04
CA VAL B 295 -26.32 18.74 3.86
C VAL B 295 -27.28 19.56 3.01
N GLN B 296 -26.73 20.41 2.16
CA GLN B 296 -27.54 21.15 1.22
C GLN B 296 -28.42 20.23 0.39
N GLU B 297 -27.85 19.12 -0.06
CA GLU B 297 -28.57 18.12 -0.86
C GLU B 297 -29.66 17.45 -0.02
N GLU B 298 -29.39 17.13 1.26
CA GLU B 298 -30.38 16.40 2.07
C GLU B 298 -31.38 17.30 2.81
N CYS B 299 -30.98 18.53 3.12
CA CYS B 299 -31.76 19.40 4.02
C CYS B 299 -32.13 20.68 3.35
N PHE B 300 -32.21 20.65 2.03
CA PHE B 300 -32.57 21.81 1.25
C PHE B 300 -33.87 22.51 1.74
N LEU B 301 -34.91 21.74 2.00
CA LEU B 301 -36.18 22.32 2.45
C LEU B 301 -36.10 22.91 3.88
N ASN B 302 -35.13 22.44 4.66
CA ASN B 302 -34.99 22.83 6.07
C ASN B 302 -34.07 24.02 6.31
N LEU B 303 -33.15 24.27 5.37
CA LEU B 303 -32.11 25.29 5.53
C LEU B 303 -32.66 26.70 5.46
N GLU B 304 -32.44 27.47 6.51
CA GLU B 304 -32.96 28.82 6.60
C GLU B 304 -31.93 29.88 6.21
N ALA B 305 -30.68 29.45 6.10
CA ALA B 305 -29.60 30.37 5.85
C ALA B 305 -28.55 29.57 5.11
N PRO B 306 -27.70 30.24 4.33
CA PRO B 306 -26.61 29.58 3.67
C PRO B 306 -25.75 28.94 4.74
N ILE B 307 -25.19 27.77 4.42
CA ILE B 307 -24.31 27.04 5.33
C ILE B 307 -23.00 27.82 5.37
N SER B 308 -22.50 28.06 6.57
CA SER B 308 -21.28 28.83 6.73
C SER B 308 -20.07 27.90 7.01
N ARG B 309 -18.94 28.15 6.35
CA ARG B 309 -17.69 27.48 6.64
C ARG B 309 -16.69 28.49 7.17
N VAL B 310 -16.22 28.28 8.40
CA VAL B 310 -15.17 29.12 8.98
C VAL B 310 -13.88 28.31 9.06
N CYS B 311 -12.96 28.58 8.14
CA CYS B 311 -11.77 27.74 7.98
C CYS B 311 -10.47 28.54 7.99
N GLY B 312 -9.34 27.83 7.97
CA GLY B 312 -8.05 28.50 7.70
C GLY B 312 -8.14 29.18 6.34
N TYR B 313 -7.39 30.25 6.15
CA TYR B 313 -7.27 30.86 4.83
C TYR B 313 -6.57 29.97 3.82
N ASP B 314 -6.75 30.32 2.54
CA ASP B 314 -6.15 29.54 1.45
C ASP B 314 -4.68 29.95 1.26
N THR B 315 -3.87 29.70 2.31
CA THR B 315 -2.41 29.99 2.32
C THR B 315 -1.69 28.83 3.00
N PRO B 316 -0.38 28.77 2.87
CA PRO B 316 0.37 27.86 3.72
C PRO B 316 0.24 28.34 5.19
N PHE B 317 0.56 27.47 6.14
CA PHE B 317 0.30 27.82 7.56
C PHE B 317 1.46 28.68 8.09
N PRO B 318 1.26 29.96 8.40
CA PRO B 318 2.37 30.85 8.79
C PRO B 318 2.91 30.74 10.26
N HIS B 319 4.16 31.19 10.42
CA HIS B 319 4.84 31.20 11.73
C HIS B 319 4.30 32.37 12.56
N ILE B 320 4.77 33.58 12.25
CA ILE B 320 4.46 34.75 13.11
C ILE B 320 2.97 35.15 13.04
N PHE B 321 2.27 34.80 11.95
CA PHE B 321 0.88 35.23 11.78
C PHE B 321 -0.15 34.24 12.31
N GLU B 322 0.29 33.18 13.00
CA GLU B 322 -0.67 32.15 13.38
C GLU B 322 -1.91 32.72 14.08
N PRO B 323 -1.76 33.67 15.02
CA PRO B 323 -2.95 34.21 15.72
C PRO B 323 -3.98 34.82 14.78
N PHE B 324 -3.56 35.29 13.59
CA PHE B 324 -4.47 35.86 12.61
C PHE B 324 -4.98 34.84 11.59
N TYR B 325 -4.39 33.65 11.55
CA TYR B 325 -4.69 32.67 10.51
C TYR B 325 -5.86 31.77 10.97
N ILE B 326 -5.84 31.38 12.24
CA ILE B 326 -6.69 30.26 12.66
C ILE B 326 -8.15 30.69 12.76
N PRO B 327 -9.07 29.75 12.54
CA PRO B 327 -10.49 30.06 12.64
C PRO B 327 -10.95 30.08 14.12
N ASP B 328 -10.51 31.10 14.82
CA ASP B 328 -10.72 31.19 16.27
C ASP B 328 -12.15 31.50 16.68
N LYS B 329 -12.39 31.61 17.99
CA LYS B 329 -13.71 31.81 18.52
C LYS B 329 -14.42 33.07 18.01
N TRP B 330 -13.66 34.14 17.76
CA TRP B 330 -14.24 35.39 17.29
C TRP B 330 -14.66 35.33 15.83
N LYS B 331 -13.87 34.61 15.05
CA LYS B 331 -14.13 34.42 13.64
C LYS B 331 -15.40 33.61 13.50
N CYS B 332 -15.47 32.52 14.26
CA CYS B 332 -16.67 31.65 14.28
C CYS B 332 -17.92 32.36 14.81
N TYR B 333 -17.79 33.06 15.94
CA TYR B 333 -18.87 33.86 16.52
C TYR B 333 -19.45 34.87 15.52
N ASP B 334 -18.57 35.59 14.83
CA ASP B 334 -19.01 36.64 13.89
C ASP B 334 -19.79 36.05 12.74
N ALA B 335 -19.25 34.98 12.19
CA ALA B 335 -19.91 34.24 11.15
C ALA B 335 -21.28 33.73 11.64
N LEU B 336 -21.31 33.20 12.86
CA LEU B 336 -22.56 32.74 13.46
C LEU B 336 -23.51 33.91 13.63
N ARG B 337 -23.00 35.03 14.12
CA ARG B 337 -23.85 36.20 14.32
C ARG B 337 -24.54 36.55 13.00
N LYS B 338 -23.73 36.74 11.97
CA LYS B 338 -24.26 37.03 10.65
C LYS B 338 -25.20 35.96 10.13
N MET B 339 -24.91 34.68 10.36
CA MET B 339 -25.80 33.64 9.86
C MET B 339 -27.17 33.68 10.55
N ILE B 340 -27.17 34.02 11.83
CA ILE B 340 -28.39 34.22 12.64
C ILE B 340 -29.17 35.47 12.17
N ASN B 341 -28.46 36.50 11.75
CA ASN B 341 -29.13 37.70 11.20
C ASN B 341 -29.62 37.54 9.78
N TYR B 342 -29.32 36.41 9.13
CA TYR B 342 -29.61 36.26 7.70
C TYR B 342 -31.10 36.43 7.40
N ALA C 1 -3.94 7.97 -27.66
CA ALA C 1 -3.89 6.48 -27.53
C ALA C 1 -2.47 5.91 -27.37
N TYR C 2 -2.35 4.93 -26.48
CA TYR C 2 -1.05 4.42 -26.07
C TYR C 2 -0.32 3.70 -27.23
N ARG C 3 0.88 4.21 -27.53
CA ARG C 3 1.78 3.65 -28.55
C ARG C 3 2.99 2.94 -27.89
#